data_2YSU
#
_entry.id   2YSU
#
_cell.length_a   76.231
_cell.length_b   80.685
_cell.length_c   235.916
_cell.angle_alpha   90.00
_cell.angle_beta   90.00
_cell.angle_gamma   90.00
#
_symmetry.space_group_name_H-M   'P 21 21 21'
#
loop_
_entity.id
_entity.type
_entity.pdbx_description
1 polymer 'Vitamin B12 transporter btuB'
2 polymer Colicin-E2
#
loop_
_entity_poly.entity_id
_entity_poly.type
_entity_poly.pdbx_seq_one_letter_code
_entity_poly.pdbx_strand_id
1 'polypeptide(L)'
;QDTSPDTLVVTANRFEQPRSTVLAPTTVVTRQDIDRWQSTSVNDVLRRLPGVDITQNGGSGQLSSIFIRGTNASHVLVLI
DGVRLNLAGVSGSADLSQFPIALVQRVEYIRGPRSAVYGSDAIGGVVNIITTRDEPGTEISAGWGSNSYQNYDVSTQQQL
GDKTRVTLLGDYAHTHGYDVVAYGNTGTQAQTDNDGFLSKTLYGALEHNFTDAWSGFVRGYGYDNRTNYDAYYSPGSPLL
DTRKLYSQSWDAGLRYNGELIKSQLITSYSHSKDYNYDPHYGRYDSSATLDEMKQYTVQWANNVIVGHGSIGAGVDWQKQ
TTTPGTGYVEDGYDQRNTGIYLTGLQQVGDFTFEGAARSDDNSQFGRHGTWQTSAGWEFIEGYRFIASYGTSYKAPNLGQ
LYGFYGNPNLDPEKSKQWEGAFEGLTAGVNWRISGYRNDVSDLIDYDDHTLKYYNEGKARIKGVEATANFDTGPLTHTVS
YDYVDARNAITDTPLLRRAKQQVKYQLDWQLYDFDWGITYQYLGTRYDKDYSSYPYQTVKMGGVSLWDLAVAYPVTSHLT
VRGKIANLFDKDYETVYGYQTAGREYTLSGSYTF
;
A
2 'polypeptide(L)'
;THPVEAAERNYERARAELNQANEDVARNQERQAKAVQVYNSRKSELDAANKTLADAIAEIKQFNRFAHDPMAGGHRMWQM
AGLKAQRAQTDVNNKQAAFDAAAKEKSDADAALSAAQERRKQKENKEKDAKDKLD
;
B
#
# COMPACT_ATOMS: atom_id res chain seq x y z
N SER A 4 -21.57 -19.72 -6.01
CA SER A 4 -20.41 -20.05 -5.12
C SER A 4 -20.75 -20.59 -3.70
N PRO A 5 -21.89 -20.14 -3.09
CA PRO A 5 -22.33 -20.52 -1.72
C PRO A 5 -21.94 -21.89 -1.18
N ASP A 6 -21.53 -21.92 0.10
CA ASP A 6 -21.14 -23.14 0.84
C ASP A 6 -19.85 -23.85 0.35
N THR A 7 -18.81 -23.05 0.09
CA THR A 7 -17.47 -23.58 -0.21
C THR A 7 -16.46 -22.98 0.77
N LEU A 8 -15.22 -23.45 0.70
CA LEU A 8 -14.25 -23.17 1.77
C LEU A 8 -13.47 -21.86 1.57
N VAL A 9 -13.22 -21.15 2.66
CA VAL A 9 -12.31 -20.01 2.64
C VAL A 9 -11.33 -20.11 3.81
N VAL A 10 -10.22 -19.38 3.72
CA VAL A 10 -9.23 -19.37 4.77
C VAL A 10 -9.12 -17.98 5.40
N THR A 11 -9.57 -16.97 4.66
CA THR A 11 -9.33 -15.59 5.02
C THR A 11 -10.02 -15.13 6.31
N ALA A 12 -11.16 -15.71 6.64
CA ALA A 12 -11.95 -15.28 7.79
C ALA A 12 -11.20 -15.31 9.11
N ASN A 13 -10.60 -16.44 9.45
CA ASN A 13 -9.77 -16.55 10.65
C ASN A 13 -8.51 -17.37 10.44
N ARG A 14 -7.93 -17.22 9.25
CA ARG A 14 -6.69 -17.89 8.85
C ARG A 14 -6.83 -19.39 8.58
N PHE A 15 -7.98 -19.96 8.96
CA PHE A 15 -8.21 -21.38 8.78
C PHE A 15 -9.44 -21.67 7.94
N GLU A 16 -9.48 -22.89 7.41
CA GLU A 16 -10.54 -23.36 6.51
C GLU A 16 -11.91 -23.32 7.17
N GLN A 17 -12.91 -22.85 6.42
CA GLN A 17 -14.33 -22.91 6.85
C GLN A 17 -15.26 -22.62 5.67
N PRO A 18 -16.41 -23.31 5.60
CA PRO A 18 -17.44 -23.05 4.58
C PRO A 18 -17.88 -21.58 4.59
N ARG A 19 -17.96 -20.96 3.41
CA ARG A 19 -18.18 -19.50 3.32
C ARG A 19 -19.55 -19.04 3.81
N SER A 20 -20.50 -19.96 3.80
CA SER A 20 -21.82 -19.72 4.39
C SER A 20 -21.66 -19.40 5.88
N THR A 21 -20.71 -20.07 6.53
CA THR A 21 -20.51 -19.95 7.97
C THR A 21 -19.71 -18.70 8.37
N VAL A 22 -19.14 -18.02 7.38
CA VAL A 22 -18.54 -16.71 7.62
C VAL A 22 -19.66 -15.69 7.58
N LEU A 23 -19.93 -15.08 8.72
CA LEU A 23 -21.08 -14.20 8.89
C LEU A 23 -20.95 -12.91 8.08
N ALA A 24 -19.73 -12.38 8.00
CA ALA A 24 -19.46 -11.16 7.25
C ALA A 24 -19.59 -11.39 5.72
N PRO A 25 -20.01 -10.35 4.98
CA PRO A 25 -20.24 -10.48 3.54
C PRO A 25 -18.95 -10.81 2.80
N THR A 26 -19.04 -11.77 1.90
CA THR A 26 -17.86 -12.36 1.32
C THR A 26 -18.01 -12.58 -0.18
N THR A 27 -16.88 -12.62 -0.88
CA THR A 27 -16.84 -12.98 -2.30
C THR A 27 -15.60 -13.83 -2.53
N VAL A 28 -15.70 -14.77 -3.47
CA VAL A 28 -14.59 -15.61 -3.89
C VAL A 28 -14.45 -15.61 -5.40
N VAL A 29 -13.24 -15.38 -5.89
CA VAL A 29 -12.95 -15.48 -7.31
C VAL A 29 -11.99 -16.63 -7.56
N THR A 30 -12.26 -17.42 -8.59
CA THR A 30 -11.49 -18.61 -8.95
C THR A 30 -10.63 -18.37 -10.18
N ARG A 31 -9.57 -19.16 -10.37
CA ARG A 31 -8.87 -19.15 -11.66
C ARG A 31 -9.87 -19.36 -12.81
N GLN A 32 -10.69 -20.40 -12.69
CA GLN A 32 -11.79 -20.61 -13.62
C GLN A 32 -12.51 -19.27 -13.81
N ASP A 33 -12.98 -18.67 -12.70
CA ASP A 33 -13.66 -17.38 -12.77
C ASP A 33 -12.85 -16.31 -13.52
N ILE A 34 -11.54 -16.29 -13.29
CA ILE A 34 -10.63 -15.31 -13.91
C ILE A 34 -10.37 -15.62 -15.39
N ASP A 35 -10.10 -16.88 -15.69
CA ASP A 35 -9.78 -17.29 -17.05
C ASP A 35 -10.93 -16.92 -17.99
N ARG A 36 -12.16 -17.09 -17.51
CA ARG A 36 -13.36 -16.83 -18.32
C ARG A 36 -13.56 -15.35 -18.58
N TRP A 37 -13.14 -14.53 -17.63
CA TRP A 37 -13.25 -13.08 -17.78
C TRP A 37 -12.12 -12.53 -18.63
N GLN A 38 -11.19 -13.39 -19.05
CA GLN A 38 -9.96 -12.98 -19.73
C GLN A 38 -9.34 -11.70 -19.11
N SER A 39 -9.21 -11.68 -17.78
CA SER A 39 -8.63 -10.53 -17.08
C SER A 39 -7.13 -10.46 -17.27
N THR A 40 -6.62 -9.25 -17.48
CA THR A 40 -5.20 -9.01 -17.72
C THR A 40 -4.55 -8.20 -16.58
N SER A 41 -5.33 -7.93 -15.53
CA SER A 41 -4.83 -7.18 -14.39
C SER A 41 -5.60 -7.56 -13.15
N VAL A 42 -4.96 -7.44 -11.99
CA VAL A 42 -5.60 -7.74 -10.72
C VAL A 42 -6.73 -6.73 -10.50
N ASN A 43 -6.48 -5.48 -10.91
CA ASN A 43 -7.49 -4.42 -10.83
C ASN A 43 -8.79 -4.74 -11.59
N ASP A 44 -8.68 -5.54 -12.65
CA ASP A 44 -9.87 -5.94 -13.39
C ASP A 44 -10.60 -7.08 -12.68
N VAL A 45 -9.85 -7.92 -11.98
CA VAL A 45 -10.49 -8.99 -11.22
C VAL A 45 -11.28 -8.37 -10.09
N LEU A 46 -10.68 -7.41 -9.38
CA LEU A 46 -11.36 -6.75 -8.26
C LEU A 46 -12.45 -5.81 -8.71
N ARG A 47 -12.21 -5.13 -9.83
CA ARG A 47 -13.09 -4.06 -10.34
C ARG A 47 -14.57 -4.44 -10.38
N ARG A 48 -14.83 -5.74 -10.42
CA ARG A 48 -16.18 -6.24 -10.61
C ARG A 48 -16.80 -6.92 -9.38
N LEU A 49 -16.05 -6.97 -8.29
CA LEU A 49 -16.58 -7.46 -7.02
C LEU A 49 -17.29 -6.33 -6.28
N PRO A 50 -18.35 -6.64 -5.50
CA PRO A 50 -19.16 -5.62 -4.86
C PRO A 50 -18.36 -4.74 -3.90
N GLY A 51 -18.78 -3.49 -3.77
CA GLY A 51 -18.14 -2.55 -2.85
C GLY A 51 -16.79 -2.04 -3.32
N VAL A 52 -16.27 -2.63 -4.39
CA VAL A 52 -14.99 -2.21 -4.96
C VAL A 52 -15.19 -1.06 -5.94
N ASP A 53 -14.48 0.03 -5.70
CA ASP A 53 -14.57 1.22 -6.52
C ASP A 53 -13.15 1.64 -6.82
N ILE A 54 -12.68 1.38 -8.04
CA ILE A 54 -11.28 1.62 -8.38
C ILE A 54 -11.08 2.78 -9.34
N THR A 55 -10.00 3.53 -9.12
CA THR A 55 -9.53 4.57 -10.03
C THR A 55 -8.10 4.30 -10.48
N GLN A 56 -7.80 4.69 -11.72
CA GLN A 56 -6.49 4.46 -12.32
C GLN A 56 -6.07 5.61 -13.21
N ASN A 57 -4.79 5.93 -13.18
CA ASN A 57 -4.22 6.94 -14.05
C ASN A 57 -3.94 6.40 -15.44
N GLY A 58 -4.92 5.73 -16.03
CA GLY A 58 -4.81 5.26 -17.41
C GLY A 58 -4.74 3.74 -17.57
N GLY A 59 -3.82 3.30 -18.44
CA GLY A 59 -3.68 1.89 -18.77
C GLY A 59 -3.09 0.98 -17.69
N SER A 60 -2.51 -0.13 -18.14
CA SER A 60 -1.91 -1.10 -17.23
C SER A 60 -0.66 -0.55 -16.57
N GLY A 61 -0.41 -0.99 -15.33
CA GLY A 61 0.78 -0.59 -14.57
C GLY A 61 0.69 0.79 -13.94
N GLN A 62 -0.30 1.56 -14.38
CA GLN A 62 -0.45 2.94 -13.98
C GLN A 62 -0.90 3.07 -12.55
N LEU A 63 -0.39 4.10 -11.89
CA LEU A 63 -0.69 4.36 -10.48
C LEU A 63 -2.19 4.24 -10.24
N SER A 64 -2.59 3.35 -9.34
CA SER A 64 -4.01 3.08 -9.12
C SER A 64 -4.35 2.87 -7.65
N SER A 65 -5.59 3.20 -7.27
CA SER A 65 -6.00 3.06 -5.86
C SER A 65 -7.44 2.57 -5.66
N ILE A 66 -7.59 1.63 -4.73
CA ILE A 66 -8.84 0.92 -4.48
C ILE A 66 -9.59 1.53 -3.30
N PHE A 67 -10.91 1.70 -3.45
CA PHE A 67 -11.78 2.18 -2.37
C PHE A 67 -12.86 1.14 -2.09
N ILE A 68 -12.74 0.42 -0.98
CA ILE A 68 -13.78 -0.51 -0.55
C ILE A 68 -14.84 0.21 0.28
N ARG A 69 -16.11 0.01 -0.07
CA ARG A 69 -17.22 0.54 0.70
C ARG A 69 -17.03 2.01 1.06
N GLY A 70 -16.40 2.75 0.14
CA GLY A 70 -16.27 4.21 0.26
C GLY A 70 -15.10 4.70 1.09
N THR A 71 -14.35 3.76 1.66
CA THR A 71 -13.21 4.08 2.52
C THR A 71 -12.03 4.60 1.69
N ASN A 72 -11.02 5.11 2.40
CA ASN A 72 -9.78 5.57 1.77
C ASN A 72 -8.99 4.45 1.10
N ALA A 73 -8.11 4.83 0.17
CA ALA A 73 -7.21 3.90 -0.48
C ALA A 73 -6.38 3.11 0.53
N SER A 74 -6.07 3.77 1.65
CA SER A 74 -5.24 3.20 2.71
C SER A 74 -6.07 2.42 3.71
N HIS A 75 -7.28 2.01 3.35
CA HIS A 75 -8.15 1.28 4.29
C HIS A 75 -8.54 -0.14 3.87
N VAL A 76 -7.93 -0.63 2.81
CA VAL A 76 -8.07 -2.04 2.47
C VAL A 76 -6.74 -2.76 2.66
N LEU A 77 -6.76 -3.82 3.46
CA LEU A 77 -5.62 -4.72 3.61
C LEU A 77 -5.63 -5.69 2.44
N VAL A 78 -4.56 -5.68 1.65
CA VAL A 78 -4.40 -6.66 0.59
C VAL A 78 -3.35 -7.67 1.03
N LEU A 79 -3.70 -8.95 1.02
CA LEU A 79 -2.77 -9.98 1.45
C LEU A 79 -2.39 -10.86 0.29
N ILE A 80 -1.11 -11.21 0.21
CA ILE A 80 -0.70 -12.27 -0.70
C ILE A 80 -0.39 -13.55 0.09
N ASP A 81 -1.21 -14.59 -0.13
CA ASP A 81 -1.17 -15.84 0.64
C ASP A 81 -1.36 -15.66 2.13
N GLY A 82 -1.72 -14.46 2.54
CA GLY A 82 -2.08 -14.23 3.93
C GLY A 82 -1.21 -13.21 4.61
N VAL A 83 -0.20 -12.72 3.92
CA VAL A 83 0.70 -11.70 4.48
C VAL A 83 0.61 -10.39 3.71
N ARG A 84 0.45 -9.30 4.45
CA ARG A 84 0.33 -7.94 3.92
C ARG A 84 1.16 -7.73 2.66
N LEU A 85 0.54 -7.17 1.63
CA LEU A 85 1.18 -6.97 0.33
C LEU A 85 2.41 -6.11 0.50
N ASN A 86 3.54 -6.65 0.09
CA ASN A 86 4.82 -6.01 0.37
C ASN A 86 4.96 -4.67 -0.33
N LEU A 87 4.19 -4.47 -1.41
CA LEU A 87 4.20 -3.22 -2.18
C LEU A 87 3.49 -2.06 -1.46
N ALA A 88 2.65 -2.39 -0.48
CA ALA A 88 1.97 -1.38 0.32
C ALA A 88 2.89 -0.75 1.38
N GLY A 89 4.00 -1.42 1.66
CA GLY A 89 4.91 -1.01 2.72
C GLY A 89 5.29 0.46 2.79
N VAL A 90 5.91 0.97 1.72
CA VAL A 90 6.45 2.34 1.69
C VAL A 90 5.34 3.39 1.66
N SER A 91 4.43 3.24 0.70
CA SER A 91 3.29 4.14 0.53
C SER A 91 2.35 4.15 1.73
N GLY A 92 2.12 2.97 2.29
CA GLY A 92 1.09 2.77 3.30
C GLY A 92 -0.27 2.80 2.64
N SER A 93 -0.34 2.16 1.47
CA SER A 93 -1.52 2.19 0.61
C SER A 93 -1.38 1.09 -0.43
N ALA A 94 -2.38 0.22 -0.51
CA ALA A 94 -2.36 -0.89 -1.47
C ALA A 94 -2.47 -0.41 -2.92
N ASP A 95 -1.70 -1.02 -3.82
CA ASP A 95 -1.73 -0.69 -5.26
C ASP A 95 -1.42 -1.93 -6.10
N LEU A 96 -2.43 -2.46 -6.76
CA LEU A 96 -2.28 -3.74 -7.45
C LEU A 96 -2.03 -3.67 -8.96
N SER A 97 -1.91 -2.45 -9.48
CA SER A 97 -1.60 -2.24 -10.90
C SER A 97 -0.25 -2.86 -11.28
N GLN A 98 0.60 -3.04 -10.27
CA GLN A 98 1.94 -3.50 -10.49
C GLN A 98 2.13 -4.95 -10.09
N PHE A 99 1.15 -5.52 -9.38
CA PHE A 99 1.23 -6.91 -8.97
C PHE A 99 0.74 -7.80 -10.10
N PRO A 100 1.62 -8.68 -10.62
CA PRO A 100 1.35 -9.51 -11.77
C PRO A 100 0.11 -10.36 -11.60
N ILE A 101 -0.73 -10.38 -12.62
CA ILE A 101 -1.96 -11.19 -12.64
C ILE A 101 -1.69 -12.72 -12.64
N ALA A 102 -0.52 -13.10 -13.14
CA ALA A 102 -0.22 -14.52 -13.27
C ALA A 102 -0.10 -15.27 -11.93
N LEU A 103 0.14 -14.55 -10.84
CA LEU A 103 0.22 -15.21 -9.55
C LEU A 103 -1.15 -15.48 -8.95
N VAL A 104 -2.18 -14.79 -9.44
CA VAL A 104 -3.53 -14.88 -8.89
C VAL A 104 -4.19 -16.22 -9.22
N GLN A 105 -4.71 -16.89 -8.20
CA GLN A 105 -5.38 -18.20 -8.37
C GLN A 105 -6.75 -18.21 -7.68
N ARG A 106 -6.83 -17.51 -6.55
CA ARG A 106 -8.05 -17.38 -5.79
C ARG A 106 -8.04 -15.98 -5.18
N VAL A 107 -9.19 -15.33 -5.18
CA VAL A 107 -9.33 -14.11 -4.40
C VAL A 107 -10.43 -14.34 -3.39
N GLU A 108 -10.07 -14.37 -2.11
CA GLU A 108 -11.05 -14.40 -1.04
C GLU A 108 -11.14 -12.99 -0.50
N TYR A 109 -12.36 -12.49 -0.40
CA TYR A 109 -12.59 -11.06 -0.19
C TYR A 109 -13.76 -10.83 0.75
N ILE A 110 -13.43 -10.51 2.00
CA ILE A 110 -14.44 -10.35 3.04
C ILE A 110 -14.61 -8.88 3.41
N ARG A 111 -15.78 -8.34 3.11
CA ARG A 111 -16.05 -6.93 3.38
C ARG A 111 -16.41 -6.73 4.84
N GLY A 112 -15.71 -5.79 5.48
CA GLY A 112 -15.95 -5.49 6.89
C GLY A 112 -14.67 -5.40 7.68
N PRO A 113 -14.75 -4.79 8.89
CA PRO A 113 -13.59 -4.61 9.77
C PRO A 113 -12.92 -5.95 10.07
N ARG A 114 -11.58 -5.96 10.01
CA ARG A 114 -10.82 -7.18 10.30
C ARG A 114 -9.48 -6.93 10.97
N SER A 115 -9.34 -5.79 11.64
CA SER A 115 -8.12 -5.51 12.37
C SER A 115 -7.92 -6.50 13.51
N ALA A 116 -9.03 -6.99 14.06
CA ALA A 116 -9.02 -7.96 15.15
C ALA A 116 -8.46 -9.32 14.75
N VAL A 117 -8.23 -9.52 13.45
CA VAL A 117 -7.66 -10.74 12.94
C VAL A 117 -6.30 -10.47 12.29
N TYR A 118 -6.21 -9.36 11.56
CA TYR A 118 -5.04 -9.08 10.72
C TYR A 118 -4.22 -7.85 11.09
N GLY A 119 -4.63 -7.14 12.14
CA GLY A 119 -3.93 -5.91 12.52
C GLY A 119 -4.26 -4.74 11.61
N SER A 120 -3.24 -3.94 11.31
CA SER A 120 -3.44 -2.64 10.67
C SER A 120 -4.18 -2.67 9.35
N ASP A 121 -4.76 -1.51 9.02
CA ASP A 121 -5.36 -1.20 7.72
C ASP A 121 -6.34 -2.22 7.11
N ALA A 122 -7.14 -2.88 7.94
CA ALA A 122 -8.24 -3.70 7.46
C ALA A 122 -9.56 -3.10 7.94
N ILE A 123 -9.91 -1.96 7.33
CA ILE A 123 -11.11 -1.23 7.69
C ILE A 123 -12.26 -1.49 6.71
N GLY A 124 -12.06 -1.19 5.44
CA GLY A 124 -13.05 -1.46 4.41
C GLY A 124 -13.32 -2.94 4.24
N GLY A 125 -12.25 -3.70 4.08
CA GLY A 125 -12.34 -5.15 3.95
C GLY A 125 -10.97 -5.76 3.78
N VAL A 126 -10.94 -7.05 3.42
CA VAL A 126 -9.68 -7.75 3.18
C VAL A 126 -9.70 -8.35 1.78
N VAL A 127 -8.62 -8.15 1.04
CA VAL A 127 -8.45 -8.79 -0.26
C VAL A 127 -7.28 -9.79 -0.18
N ASN A 128 -7.58 -11.06 0.07
CA ASN A 128 -6.53 -12.06 0.09
C ASN A 128 -6.31 -12.69 -1.28
N ILE A 129 -5.27 -12.24 -1.98
CA ILE A 129 -4.91 -12.79 -3.28
C ILE A 129 -3.98 -14.00 -3.10
N ILE A 130 -4.59 -15.19 -3.26
CA ILE A 130 -3.94 -16.48 -3.06
C ILE A 130 -3.21 -16.96 -4.32
N THR A 131 -1.94 -17.30 -4.19
CA THR A 131 -1.11 -17.67 -5.33
C THR A 131 -1.01 -19.18 -5.54
N THR A 132 -1.65 -19.95 -4.66
CA THR A 132 -1.45 -21.40 -4.64
C THR A 132 -2.76 -22.22 -4.74
N ARG A 133 -2.88 -23.03 -5.78
CA ARG A 133 -4.09 -23.83 -5.99
C ARG A 133 -3.85 -25.31 -6.31
N ASP A 134 -4.86 -26.13 -6.07
CA ASP A 134 -4.74 -27.60 -6.08
C ASP A 134 -5.29 -28.25 -7.36
N GLU A 135 -4.99 -27.63 -8.50
CA GLU A 135 -5.29 -28.22 -9.80
C GLU A 135 -3.98 -28.69 -10.44
N PRO A 136 -3.73 -30.01 -10.44
CA PRO A 136 -2.53 -30.57 -11.04
C PRO A 136 -2.60 -30.62 -12.56
N GLY A 137 -1.43 -30.72 -13.19
CA GLY A 137 -1.31 -30.70 -14.65
C GLY A 137 -0.42 -29.56 -15.12
N THR A 138 -0.45 -29.31 -16.43
CA THR A 138 0.42 -28.32 -17.07
C THR A 138 -0.29 -27.57 -18.21
N GLU A 139 -0.06 -26.26 -18.31
CA GLU A 139 -0.79 -25.39 -19.24
C GLU A 139 0.13 -24.37 -19.93
N ILE A 140 0.31 -24.53 -21.24
CA ILE A 140 0.98 -23.52 -22.07
C ILE A 140 -0.08 -22.58 -22.67
N SER A 141 0.11 -21.28 -22.48
CA SER A 141 -0.90 -20.31 -22.86
C SER A 141 -0.30 -19.03 -23.41
N ALA A 142 -1.07 -18.37 -24.26
CA ALA A 142 -0.63 -17.18 -24.99
C ALA A 142 -1.77 -16.20 -25.20
N GLY A 143 -1.44 -14.93 -25.40
CA GLY A 143 -2.44 -13.93 -25.66
C GLY A 143 -1.93 -12.77 -26.50
N TRP A 144 -2.66 -12.49 -27.57
CA TRP A 144 -2.39 -11.32 -28.40
C TRP A 144 -3.55 -10.32 -28.30
N GLY A 145 -3.21 -9.04 -28.17
CA GLY A 145 -4.22 -7.99 -28.06
C GLY A 145 -3.83 -6.68 -28.70
N SER A 146 -4.78 -5.74 -28.68
CA SER A 146 -4.57 -4.39 -29.19
C SER A 146 -3.78 -3.54 -28.19
N ASN A 147 -3.31 -2.38 -28.65
CA ASN A 147 -2.26 -1.62 -27.96
C ASN A 147 -0.98 -2.45 -27.87
N SER A 148 -0.74 -3.18 -28.97
CA SER A 148 0.39 -4.11 -29.12
C SER A 148 0.63 -5.02 -27.91
N TYR A 149 -0.48 -5.40 -27.28
CA TYR A 149 -0.44 -6.27 -26.11
C TYR A 149 -0.08 -7.70 -26.48
N GLN A 150 0.91 -8.24 -25.76
CA GLN A 150 1.30 -9.64 -25.92
C GLN A 150 1.56 -10.30 -24.56
N ASN A 151 1.27 -11.60 -24.51
CA ASN A 151 1.41 -12.40 -23.30
C ASN A 151 1.70 -13.85 -23.64
N TYR A 152 2.72 -14.41 -22.99
CA TYR A 152 3.14 -15.80 -23.18
C TYR A 152 3.36 -16.44 -21.81
N ASP A 153 2.79 -17.61 -21.56
CA ASP A 153 2.65 -18.08 -20.16
C ASP A 153 2.64 -19.61 -19.92
N VAL A 154 3.63 -20.09 -19.19
CA VAL A 154 3.75 -21.51 -18.85
C VAL A 154 3.60 -21.74 -17.35
N SER A 155 2.85 -22.78 -16.99
CA SER A 155 2.56 -23.13 -15.61
C SER A 155 2.37 -24.62 -15.49
N THR A 156 2.90 -25.20 -14.41
CA THR A 156 2.75 -26.64 -14.17
C THR A 156 2.89 -27.01 -12.70
N GLN A 157 2.07 -27.97 -12.27
CA GLN A 157 2.24 -28.57 -10.96
C GLN A 157 2.24 -30.08 -11.11
N GLN A 158 3.18 -30.73 -10.44
CA GLN A 158 3.42 -32.13 -10.65
C GLN A 158 3.89 -32.77 -9.37
N GLN A 159 3.65 -34.07 -9.25
CA GLN A 159 4.08 -34.84 -8.10
C GLN A 159 5.49 -35.34 -8.32
N LEU A 160 6.31 -35.27 -7.27
CA LEU A 160 7.61 -35.91 -7.28
C LEU A 160 7.48 -37.32 -6.73
N GLY A 161 6.66 -37.47 -5.70
CA GLY A 161 6.39 -38.79 -5.12
C GLY A 161 4.90 -39.08 -4.99
N ASP A 162 4.46 -39.17 -3.76
CA ASP A 162 3.04 -39.23 -3.42
C ASP A 162 2.84 -38.13 -2.42
N LYS A 163 3.96 -37.62 -1.93
CA LYS A 163 3.98 -36.74 -0.77
C LYS A 163 4.53 -35.36 -1.13
N THR A 164 5.15 -35.24 -2.30
CA THR A 164 5.81 -34.00 -2.69
C THR A 164 5.23 -33.43 -3.99
N ARG A 165 4.65 -32.25 -3.91
CA ARG A 165 4.12 -31.56 -5.07
C ARG A 165 4.94 -30.33 -5.39
N VAL A 166 5.39 -30.23 -6.65
CA VAL A 166 6.15 -29.09 -7.16
C VAL A 166 5.31 -28.33 -8.17
N THR A 167 5.17 -27.02 -7.95
CA THR A 167 4.41 -26.15 -8.84
C THR A 167 5.31 -25.03 -9.32
N LEU A 168 5.26 -24.77 -10.63
CA LEU A 168 6.12 -23.76 -11.23
C LEU A 168 5.36 -22.95 -12.28
N LEU A 169 5.65 -21.66 -12.37
CA LEU A 169 5.24 -20.85 -13.53
C LEU A 169 6.10 -19.65 -13.83
N GLY A 170 6.24 -19.39 -15.12
CA GLY A 170 6.84 -18.17 -15.64
C GLY A 170 5.85 -17.47 -16.55
N ASP A 171 5.89 -16.14 -16.55
CA ASP A 171 4.98 -15.37 -17.34
C ASP A 171 5.62 -14.07 -17.82
N TYR A 172 5.50 -13.83 -19.12
CA TYR A 172 5.96 -12.60 -19.74
C TYR A 172 4.74 -11.92 -20.33
N ALA A 173 4.63 -10.62 -20.09
CA ALA A 173 3.50 -9.85 -20.58
C ALA A 173 3.91 -8.41 -20.83
N HIS A 174 3.56 -7.89 -22.00
CA HIS A 174 3.87 -6.50 -22.35
C HIS A 174 2.73 -5.84 -23.12
N THR A 175 2.48 -4.57 -22.78
CA THR A 175 1.41 -3.76 -23.38
C THR A 175 1.78 -2.26 -23.50
N HIS A 176 1.30 -1.61 -24.55
CA HIS A 176 1.50 -0.16 -24.76
C HIS A 176 0.33 0.70 -24.23
N GLY A 177 -0.38 1.38 -25.15
CA GLY A 177 -1.51 2.26 -24.79
C GLY A 177 -1.14 3.72 -24.62
N ASP A 193 3.11 9.30 -21.23
CA ASP A 193 3.33 7.89 -21.60
C ASP A 193 3.74 7.75 -23.07
N ASN A 194 4.54 6.72 -23.36
CA ASN A 194 4.91 6.37 -24.73
C ASN A 194 5.08 4.86 -24.96
N ASP A 195 5.47 4.13 -23.91
CA ASP A 195 5.70 2.69 -24.03
C ASP A 195 4.73 1.82 -23.21
N GLY A 196 4.38 2.28 -22.00
CA GLY A 196 3.47 1.53 -21.14
C GLY A 196 4.18 0.53 -20.25
N PHE A 197 3.57 -0.65 -20.09
CA PHE A 197 3.85 -1.54 -18.96
C PHE A 197 4.38 -2.93 -19.36
N LEU A 198 5.58 -3.28 -18.87
CA LEU A 198 6.24 -4.56 -19.19
C LEU A 198 6.51 -5.37 -17.91
N SER A 199 6.02 -6.60 -17.90
CA SER A 199 5.96 -7.41 -16.69
C SER A 199 6.52 -8.82 -16.92
N LYS A 200 7.49 -9.22 -16.11
CA LYS A 200 8.10 -10.56 -16.23
C LYS A 200 8.08 -11.25 -14.86
N THR A 201 7.50 -12.45 -14.80
CA THR A 201 7.28 -13.13 -13.51
C THR A 201 7.78 -14.56 -13.49
N LEU A 202 8.38 -14.95 -12.38
CA LEU A 202 8.80 -16.34 -12.16
C LEU A 202 8.36 -16.77 -10.79
N TYR A 203 7.81 -17.98 -10.70
CA TYR A 203 7.18 -18.49 -9.48
C TYR A 203 7.46 -19.98 -9.31
N GLY A 204 8.00 -20.35 -8.15
CA GLY A 204 8.29 -21.74 -7.82
C GLY A 204 7.82 -22.05 -6.42
N ALA A 205 7.24 -23.24 -6.24
CA ALA A 205 6.73 -23.65 -4.94
C ALA A 205 6.72 -25.16 -4.80
N LEU A 206 7.27 -25.67 -3.69
CA LEU A 206 7.15 -27.09 -3.39
C LEU A 206 6.59 -27.35 -1.98
N GLU A 207 5.60 -28.24 -1.92
CA GLU A 207 4.82 -28.55 -0.72
C GLU A 207 4.98 -30.05 -0.43
N HIS A 208 5.44 -30.36 0.77
CA HIS A 208 5.73 -31.75 1.16
C HIS A 208 4.73 -32.21 2.21
N ASN A 209 4.54 -33.52 2.30
CA ASN A 209 3.73 -34.11 3.36
C ASN A 209 4.50 -35.12 4.19
N PHE A 210 5.04 -34.65 5.32
CA PHE A 210 5.77 -35.51 6.25
C PHE A 210 4.92 -36.68 6.72
N THR A 211 3.70 -36.39 7.14
CA THR A 211 2.70 -37.42 7.41
C THR A 211 1.34 -36.97 6.90
N ASP A 212 0.31 -37.73 7.25
CA ASP A 212 -1.08 -37.45 6.88
C ASP A 212 -1.51 -36.05 7.30
N ALA A 213 -0.93 -35.55 8.40
CA ALA A 213 -1.30 -34.26 8.98
C ALA A 213 -0.17 -33.20 9.00
N TRP A 214 1.08 -33.66 9.15
CA TRP A 214 2.25 -32.78 9.11
C TRP A 214 2.69 -32.47 7.68
N SER A 215 2.99 -31.20 7.43
CA SER A 215 3.30 -30.72 6.08
C SER A 215 4.14 -29.46 6.11
N GLY A 216 4.91 -29.23 5.06
CA GLY A 216 5.80 -28.06 4.97
C GLY A 216 6.04 -27.62 3.55
N PHE A 217 6.46 -26.37 3.37
CA PHE A 217 6.61 -25.80 2.03
C PHE A 217 7.55 -24.60 1.94
N VAL A 218 8.42 -24.62 0.94
CA VAL A 218 9.19 -23.46 0.55
C VAL A 218 8.54 -22.88 -0.71
N ARG A 219 8.76 -21.60 -0.98
CA ARG A 219 8.03 -20.90 -2.04
C ARG A 219 8.67 -19.56 -2.40
N GLY A 220 9.18 -19.46 -3.62
CA GLY A 220 9.78 -18.21 -4.08
C GLY A 220 9.22 -17.73 -5.39
N TYR A 221 9.00 -16.42 -5.48
CA TYR A 221 8.53 -15.79 -6.71
C TYR A 221 8.99 -14.35 -6.80
N GLY A 222 9.42 -13.96 -7.99
CA GLY A 222 9.84 -12.58 -8.23
C GLY A 222 9.22 -12.05 -9.49
N TYR A 223 9.25 -10.73 -9.66
CA TYR A 223 8.83 -10.10 -10.90
C TYR A 223 9.62 -8.85 -11.21
N ASP A 224 9.80 -8.59 -12.50
CA ASP A 224 10.41 -7.37 -13.00
C ASP A 224 9.34 -6.56 -13.73
N ASN A 225 9.24 -5.28 -13.42
CA ASN A 225 8.24 -4.45 -14.07
C ASN A 225 8.80 -3.14 -14.57
N ARG A 226 8.97 -3.06 -15.88
CA ARG A 226 9.36 -1.80 -16.52
C ARG A 226 8.09 -1.06 -17.00
N THR A 227 7.85 0.10 -16.42
CA THR A 227 6.66 0.87 -16.76
C THR A 227 6.96 2.35 -17.03
N ASN A 228 6.35 2.86 -18.10
CA ASN A 228 6.53 4.24 -18.51
C ASN A 228 5.28 5.05 -18.20
N TYR A 229 5.51 6.31 -17.85
CA TYR A 229 4.42 7.17 -17.44
C TYR A 229 4.76 8.61 -17.74
N ASP A 230 3.73 9.45 -17.73
CA ASP A 230 3.89 10.88 -17.95
C ASP A 230 4.23 11.57 -16.64
N ALA A 231 5.29 12.38 -16.68
CA ALA A 231 5.80 13.03 -15.49
C ALA A 231 5.78 14.54 -15.65
N TYR A 232 5.69 15.26 -14.54
CA TYR A 232 5.73 16.73 -14.52
C TYR A 232 7.07 17.22 -15.04
N TYR A 233 7.03 18.10 -16.03
CA TYR A 233 8.24 18.60 -16.68
C TYR A 233 8.72 19.92 -16.07
N SER A 234 10.02 19.99 -15.80
CA SER A 234 10.67 21.24 -15.40
C SER A 234 12.05 21.35 -16.04
N PRO A 235 12.28 22.44 -16.82
CA PRO A 235 13.52 22.64 -17.55
C PRO A 235 14.75 22.50 -16.68
N GLY A 236 15.84 21.99 -17.27
CA GLY A 236 17.10 21.82 -16.56
C GLY A 236 17.06 20.72 -15.52
N SER A 237 15.99 19.93 -15.55
CA SER A 237 15.84 18.83 -14.61
C SER A 237 15.30 17.58 -15.27
N PRO A 238 15.90 16.41 -14.96
CA PRO A 238 15.62 15.18 -15.66
C PRO A 238 14.16 14.73 -15.52
N LEU A 239 13.65 14.08 -16.54
CA LEU A 239 12.29 13.56 -16.54
C LEU A 239 12.26 12.15 -16.00
N LEU A 240 11.97 12.02 -14.71
CA LEU A 240 11.78 10.71 -14.11
C LEU A 240 10.42 10.17 -14.55
N ASP A 241 10.43 9.54 -15.72
CA ASP A 241 9.22 9.08 -16.39
C ASP A 241 9.25 7.57 -16.65
N THR A 242 10.27 6.92 -16.09
CA THR A 242 10.45 5.50 -16.26
C THR A 242 10.61 4.86 -14.90
N ARG A 243 9.89 3.75 -14.70
CA ARG A 243 9.89 3.05 -13.42
C ARG A 243 10.28 1.60 -13.61
N LYS A 244 11.35 1.19 -12.91
CA LYS A 244 11.76 -0.21 -12.92
C LYS A 244 11.53 -0.80 -11.54
N LEU A 245 10.68 -1.82 -11.47
CA LEU A 245 10.36 -2.47 -10.20
C LEU A 245 10.82 -3.91 -10.17
N TYR A 246 11.65 -4.24 -9.18
CA TYR A 246 12.07 -5.61 -8.95
C TYR A 246 11.58 -5.97 -7.56
N SER A 247 10.76 -7.01 -7.49
CA SER A 247 10.30 -7.52 -6.21
C SER A 247 10.45 -9.02 -6.23
N GLN A 248 10.83 -9.58 -5.08
CA GLN A 248 10.80 -11.03 -4.86
C GLN A 248 10.33 -11.32 -3.43
N SER A 249 9.75 -12.51 -3.25
CA SER A 249 9.19 -12.91 -1.98
C SER A 249 9.58 -14.35 -1.74
N TRP A 250 9.73 -14.72 -0.47
CA TRP A 250 10.08 -16.08 -0.13
C TRP A 250 9.31 -16.53 1.09
N ASP A 251 8.35 -17.42 0.87
CA ASP A 251 7.54 -17.97 1.94
C ASP A 251 8.06 -19.35 2.32
N ALA A 252 8.01 -19.66 3.60
CA ALA A 252 8.42 -20.98 4.08
C ALA A 252 7.54 -21.35 5.25
N GLY A 253 6.96 -22.54 5.21
CA GLY A 253 5.97 -22.89 6.20
C GLY A 253 6.08 -24.27 6.81
N LEU A 254 5.22 -24.52 7.80
CA LEU A 254 5.10 -25.81 8.46
C LEU A 254 3.68 -25.90 9.01
N ARG A 255 2.91 -26.86 8.50
CA ARG A 255 1.50 -27.00 8.87
C ARG A 255 1.22 -28.32 9.55
N TYR A 256 0.54 -28.25 10.69
CA TYR A 256 -0.10 -29.41 11.28
C TYR A 256 -1.60 -29.28 11.14
N ASN A 257 -2.19 -30.12 10.29
CA ASN A 257 -3.63 -30.16 10.10
C ASN A 257 -4.26 -31.43 10.65
N GLY A 258 -4.65 -31.39 11.91
CA GLY A 258 -5.25 -32.53 12.58
C GLY A 258 -6.77 -32.48 12.62
N GLU A 259 -7.35 -33.46 13.31
CA GLU A 259 -8.80 -33.62 13.36
C GLU A 259 -9.48 -32.68 14.36
N LEU A 260 -8.71 -32.17 15.33
CA LEU A 260 -9.26 -31.28 16.35
C LEU A 260 -8.46 -29.98 16.54
N ILE A 261 -7.13 -30.06 16.38
CA ILE A 261 -6.26 -28.88 16.44
C ILE A 261 -5.53 -28.60 15.12
N LYS A 262 -5.40 -27.33 14.76
CA LYS A 262 -4.66 -26.93 13.57
C LYS A 262 -3.56 -25.89 13.85
N SER A 263 -2.39 -26.10 13.24
CA SER A 263 -1.23 -25.24 13.47
C SER A 263 -0.64 -24.69 12.18
N GLN A 264 -0.36 -23.39 12.20
CA GLN A 264 0.32 -22.71 11.11
C GLN A 264 1.57 -22.04 11.64
N LEU A 265 2.73 -22.45 11.10
CA LEU A 265 3.98 -21.71 11.30
C LEU A 265 4.42 -21.16 9.94
N ILE A 266 4.41 -19.85 9.79
CA ILE A 266 4.68 -19.22 8.49
C ILE A 266 5.70 -18.09 8.59
N THR A 267 6.67 -18.12 7.68
CA THR A 267 7.65 -17.06 7.59
C THR A 267 7.75 -16.59 6.15
N SER A 268 7.85 -15.28 5.97
CA SER A 268 8.05 -14.71 4.66
C SER A 268 9.11 -13.60 4.69
N TYR A 269 9.79 -13.44 3.56
CA TYR A 269 10.76 -12.37 3.41
C TYR A 269 10.58 -11.77 2.03
N SER A 270 10.10 -10.53 1.98
CA SER A 270 9.98 -9.82 0.71
C SER A 270 10.97 -8.66 0.59
N HIS A 271 11.62 -8.58 -0.55
CA HIS A 271 12.54 -7.51 -0.91
C HIS A 271 12.05 -6.85 -2.20
N SER A 272 12.03 -5.52 -2.25
CA SER A 272 11.57 -4.82 -3.44
C SER A 272 12.36 -3.55 -3.73
N LYS A 273 12.68 -3.35 -5.00
CA LYS A 273 13.42 -2.17 -5.43
C LYS A 273 12.64 -1.41 -6.51
N ASP A 274 12.38 -0.14 -6.26
CA ASP A 274 11.47 0.65 -7.06
C ASP A 274 12.14 1.89 -7.60
N TYR A 275 12.68 1.78 -8.81
CA TYR A 275 13.40 2.88 -9.44
C TYR A 275 12.48 3.78 -10.25
N ASN A 276 12.67 5.08 -10.07
CA ASN A 276 12.16 6.08 -10.99
C ASN A 276 13.33 6.93 -11.42
N TYR A 277 13.55 7.01 -12.73
CA TYR A 277 14.76 7.62 -13.27
C TYR A 277 14.50 8.19 -14.66
N ASP A 278 15.48 8.93 -15.18
CA ASP A 278 15.41 9.42 -16.54
C ASP A 278 16.34 8.60 -17.41
N PRO A 279 15.77 7.78 -18.31
CA PRO A 279 16.52 6.96 -19.28
C PRO A 279 17.82 7.61 -19.73
N HIS A 280 17.76 8.91 -20.02
CA HIS A 280 18.93 9.66 -20.47
C HIS A 280 20.01 9.78 -19.38
N TYR A 281 19.59 10.03 -18.14
CA TYR A 281 20.52 10.20 -17.03
C TYR A 281 21.01 8.87 -16.49
N GLY A 282 20.12 7.87 -16.46
CA GLY A 282 20.49 6.54 -15.99
C GLY A 282 19.82 6.13 -14.69
N ARG A 283 19.68 4.83 -14.49
CA ARG A 283 18.97 4.25 -13.36
C ARG A 283 19.72 4.41 -12.03
N TYR A 284 21.05 4.52 -12.13
CA TYR A 284 21.90 4.65 -10.95
C TYR A 284 22.41 6.08 -10.75
N ASP A 285 22.12 6.94 -11.71
CA ASP A 285 22.42 8.37 -11.63
C ASP A 285 21.80 9.00 -10.37
N SER A 286 22.48 10.00 -9.81
CA SER A 286 22.09 10.65 -8.56
C SER A 286 20.66 11.23 -8.56
N SER A 287 20.16 11.58 -9.74
CA SER A 287 18.82 12.16 -9.90
C SER A 287 17.68 11.16 -9.70
N ALA A 288 17.99 9.87 -9.78
CA ALA A 288 16.99 8.81 -9.68
C ALA A 288 16.47 8.62 -8.27
N THR A 289 15.19 8.27 -8.15
CA THR A 289 14.59 7.96 -6.86
C THR A 289 14.43 6.45 -6.69
N LEU A 290 15.07 5.91 -5.67
CA LEU A 290 15.00 4.48 -5.39
C LEU A 290 14.29 4.19 -4.06
N ASP A 291 13.27 3.35 -4.13
CA ASP A 291 12.60 2.89 -2.93
C ASP A 291 12.93 1.42 -2.69
N GLU A 292 13.89 1.19 -1.80
CA GLU A 292 14.25 -0.16 -1.37
C GLU A 292 13.54 -0.42 -0.05
N MET A 293 12.93 -1.59 0.06
CA MET A 293 12.13 -1.95 1.23
C MET A 293 12.16 -3.44 1.49
N LYS A 294 12.60 -3.84 2.68
CA LYS A 294 12.68 -5.25 3.05
C LYS A 294 11.66 -5.58 4.13
N GLN A 295 10.90 -6.64 3.91
CA GLN A 295 9.80 -7.01 4.80
C GLN A 295 9.87 -8.47 5.26
N TYR A 296 9.92 -8.65 6.58
CA TYR A 296 10.00 -9.98 7.22
C TYR A 296 8.72 -10.27 8.03
N THR A 297 8.26 -11.52 8.02
CA THR A 297 7.09 -11.89 8.84
C THR A 297 7.18 -13.29 9.41
N VAL A 298 6.89 -13.40 10.71
CA VAL A 298 6.77 -14.69 11.37
C VAL A 298 5.38 -14.76 12.01
N GLN A 299 4.62 -15.77 11.60
CA GLN A 299 3.26 -15.94 12.07
C GLN A 299 3.13 -17.29 12.70
N TRP A 300 2.40 -17.36 13.81
CA TRP A 300 1.92 -18.62 14.38
C TRP A 300 0.40 -18.50 14.44
N ALA A 301 -0.31 -19.51 13.92
CA ALA A 301 -1.75 -19.48 13.97
C ALA A 301 -2.29 -20.80 14.49
N ASN A 302 -3.21 -20.74 15.44
CA ASN A 302 -3.76 -21.97 15.99
C ASN A 302 -5.27 -21.94 16.04
N ASN A 303 -5.88 -23.11 15.83
CA ASN A 303 -7.32 -23.28 15.92
C ASN A 303 -7.67 -24.63 16.53
N VAL A 304 -8.62 -24.62 17.46
CA VAL A 304 -9.02 -25.82 18.18
C VAL A 304 -10.54 -25.95 18.12
N ILE A 305 -11.02 -27.06 17.54
CA ILE A 305 -12.45 -27.32 17.46
C ILE A 305 -13.03 -27.41 18.87
N VAL A 306 -13.92 -26.49 19.19
CA VAL A 306 -14.58 -26.46 20.49
C VAL A 306 -16.09 -26.35 20.27
N GLY A 307 -16.81 -27.37 20.76
CA GLY A 307 -18.26 -27.50 20.52
C GLY A 307 -18.55 -27.51 19.03
N HIS A 308 -19.68 -26.91 18.65
CA HIS A 308 -19.98 -26.68 17.24
C HIS A 308 -19.30 -25.38 16.85
N GLY A 309 -17.98 -25.43 16.76
CA GLY A 309 -17.20 -24.24 16.42
C GLY A 309 -15.72 -24.45 16.64
N SER A 310 -15.04 -23.40 17.07
CA SER A 310 -13.61 -23.44 17.33
C SER A 310 -13.14 -22.18 18.03
N ILE A 311 -11.99 -22.28 18.68
CA ILE A 311 -11.33 -21.13 19.25
C ILE A 311 -9.91 -21.10 18.68
N GLY A 312 -9.52 -19.94 18.19
CA GLY A 312 -8.20 -19.75 17.62
C GLY A 312 -7.44 -18.68 18.33
N ALA A 313 -6.12 -18.82 18.35
CA ALA A 313 -5.22 -17.81 18.88
C ALA A 313 -3.82 -17.95 18.29
N GLY A 314 -3.35 -16.92 17.61
CA GLY A 314 -1.99 -16.90 17.08
C GLY A 314 -1.21 -15.63 17.38
N VAL A 315 0.04 -15.62 16.95
CA VAL A 315 0.85 -14.39 16.91
C VAL A 315 1.28 -14.09 15.47
N ASP A 316 1.31 -12.82 15.11
CA ASP A 316 1.99 -12.42 13.89
C ASP A 316 2.89 -11.20 14.12
N TRP A 317 4.13 -11.33 13.65
CA TRP A 317 5.17 -10.34 13.86
C TRP A 317 5.65 -9.86 12.51
N GLN A 318 5.94 -8.57 12.36
CA GLN A 318 6.56 -8.09 11.13
C GLN A 318 7.64 -7.02 11.27
N LYS A 319 8.63 -7.10 10.39
CA LYS A 319 9.69 -6.12 10.31
C LYS A 319 9.75 -5.51 8.89
N GLN A 320 9.76 -4.18 8.84
CA GLN A 320 9.87 -3.41 7.60
C GLN A 320 11.07 -2.46 7.68
N THR A 321 12.10 -2.74 6.88
CA THR A 321 13.26 -1.84 6.80
C THR A 321 13.27 -1.07 5.48
N THR A 322 13.69 0.18 5.53
CA THR A 322 13.80 1.02 4.34
C THR A 322 15.22 1.58 4.18
N THR A 323 15.53 2.06 2.98
CA THR A 323 16.82 2.63 2.63
C THR A 323 16.73 4.15 2.64
N PRO A 324 17.76 4.85 3.17
CA PRO A 324 17.84 6.31 3.11
C PRO A 324 17.41 6.82 1.74
N GLY A 325 16.47 7.75 1.73
CA GLY A 325 15.86 8.22 0.49
C GLY A 325 14.48 7.65 0.26
N THR A 326 14.32 6.35 0.55
CA THR A 326 13.07 5.61 0.30
C THR A 326 11.82 6.27 0.87
N GLY A 327 10.85 6.52 0.00
CA GLY A 327 9.58 7.13 0.39
C GLY A 327 9.73 8.58 0.80
N TYR A 328 10.64 9.27 0.11
CA TYR A 328 10.90 10.71 0.30
C TYR A 328 11.27 11.10 1.73
N VAL A 329 11.96 10.19 2.43
CA VAL A 329 12.45 10.45 3.77
C VAL A 329 13.97 10.43 3.76
N GLU A 330 14.58 11.35 4.50
CA GLU A 330 16.05 11.53 4.55
C GLU A 330 16.79 10.20 4.69
N ASP A 331 16.64 9.56 5.86
CA ASP A 331 17.31 8.28 6.14
C ASP A 331 16.34 7.08 6.25
N GLY A 332 16.90 5.89 6.45
CA GLY A 332 16.12 4.65 6.41
C GLY A 332 15.67 4.20 7.78
N TYR A 333 14.42 3.76 7.86
CA TYR A 333 13.80 3.44 9.15
C TYR A 333 13.49 1.96 9.36
N ASP A 334 13.29 1.58 10.62
CA ASP A 334 13.03 0.21 11.01
C ASP A 334 11.74 0.16 11.81
N GLN A 335 10.69 -0.39 11.23
CA GLN A 335 9.44 -0.54 11.96
C GLN A 335 9.14 -2.01 12.23
N ARG A 336 9.00 -2.32 13.52
CA ARG A 336 8.71 -3.66 13.99
C ARG A 336 7.34 -3.68 14.67
N ASN A 337 6.55 -4.71 14.39
CA ASN A 337 5.21 -4.81 14.97
C ASN A 337 4.85 -6.24 15.39
N THR A 338 4.34 -6.38 16.62
CA THR A 338 3.89 -7.68 17.12
C THR A 338 2.40 -7.65 17.42
N GLY A 339 1.68 -8.61 16.85
CA GLY A 339 0.23 -8.71 17.03
C GLY A 339 -0.17 -10.04 17.61
N ILE A 340 -0.55 -10.03 18.88
CA ILE A 340 -1.09 -11.20 19.56
C ILE A 340 -2.60 -11.12 19.35
N TYR A 341 -3.25 -12.24 19.05
CA TYR A 341 -4.70 -12.23 18.77
C TYR A 341 -5.43 -13.54 19.13
N LEU A 342 -6.75 -13.41 19.31
CA LEU A 342 -7.60 -14.52 19.75
C LEU A 342 -8.90 -14.47 18.96
N THR A 343 -9.37 -15.64 18.54
CA THR A 343 -10.58 -15.72 17.73
C THR A 343 -11.50 -16.88 18.14
N GLY A 344 -12.78 -16.57 18.31
CA GLY A 344 -13.79 -17.57 18.68
C GLY A 344 -14.90 -17.66 17.64
N LEU A 345 -15.56 -18.83 17.62
CA LEU A 345 -16.63 -19.10 16.68
C LEU A 345 -17.43 -20.25 17.27
N GLN A 346 -18.75 -20.05 17.42
CA GLN A 346 -19.61 -21.04 18.07
C GLN A 346 -21.05 -20.95 17.59
N GLN A 347 -21.55 -22.04 17.00
CA GLN A 347 -22.96 -22.15 16.59
C GLN A 347 -23.76 -22.90 17.62
N VAL A 348 -24.62 -22.18 18.34
CA VAL A 348 -25.55 -22.79 19.30
C VAL A 348 -26.98 -22.68 18.77
N GLY A 349 -27.62 -23.84 18.57
CA GLY A 349 -28.96 -23.91 17.99
C GLY A 349 -29.04 -23.18 16.66
N ASP A 350 -30.00 -22.26 16.57
CA ASP A 350 -30.17 -21.44 15.37
C ASP A 350 -29.40 -20.13 15.45
N PHE A 351 -28.61 -19.96 16.52
CA PHE A 351 -27.76 -18.79 16.68
C PHE A 351 -26.36 -19.06 16.13
N THR A 352 -25.57 -18.00 15.94
CA THR A 352 -24.16 -18.10 15.56
C THR A 352 -23.38 -16.89 16.04
N PHE A 353 -22.37 -17.13 16.87
CA PHE A 353 -21.57 -16.05 17.45
C PHE A 353 -20.11 -16.16 16.99
N GLU A 354 -19.64 -15.15 16.27
CA GLU A 354 -18.24 -15.11 15.84
C GLU A 354 -17.51 -13.93 16.48
N GLY A 355 -16.23 -14.11 16.77
CA GLY A 355 -15.50 -13.13 17.54
C GLY A 355 -13.99 -13.17 17.37
N ALA A 356 -13.38 -12.00 17.54
CA ALA A 356 -11.95 -11.84 17.41
C ALA A 356 -11.47 -10.67 18.25
N ALA A 357 -10.29 -10.85 18.86
CA ALA A 357 -9.61 -9.80 19.58
C ALA A 357 -8.16 -9.74 19.09
N ARG A 358 -7.54 -8.57 19.23
CA ARG A 358 -6.19 -8.32 18.73
C ARG A 358 -5.55 -7.19 19.52
N SER A 359 -4.23 -7.22 19.65
CA SER A 359 -3.49 -6.09 20.19
C SER A 359 -2.15 -6.00 19.47
N ASP A 360 -1.93 -4.89 18.77
CA ASP A 360 -0.67 -4.70 18.08
C ASP A 360 0.22 -3.75 18.88
N ASP A 361 1.41 -4.23 19.20
CA ASP A 361 2.42 -3.40 19.83
C ASP A 361 3.43 -2.99 18.77
N ASN A 362 3.38 -1.72 18.39
CA ASN A 362 4.26 -1.17 17.37
C ASN A 362 5.46 -0.43 17.94
N SER A 363 6.62 -0.62 17.32
CA SER A 363 7.86 0.04 17.73
C SER A 363 7.76 1.55 17.58
N GLN A 364 6.74 1.97 16.84
CA GLN A 364 6.52 3.37 16.52
C GLN A 364 5.57 4.05 17.50
N PHE A 365 4.36 3.51 17.64
CA PHE A 365 3.31 4.16 18.42
C PHE A 365 2.69 3.30 19.53
N GLY A 366 3.50 2.46 20.16
CA GLY A 366 3.03 1.58 21.26
C GLY A 366 1.90 0.65 20.85
N ARG A 367 1.09 0.22 21.82
CA ARG A 367 0.04 -0.75 21.54
C ARG A 367 -1.33 -0.15 21.19
N HIS A 368 -2.15 -0.97 20.53
CA HIS A 368 -3.52 -0.61 20.15
C HIS A 368 -4.37 -1.88 19.97
N GLY A 369 -5.53 -1.88 20.63
CA GLY A 369 -6.46 -3.02 20.62
C GLY A 369 -7.61 -2.89 19.63
N THR A 370 -8.13 -4.05 19.21
CA THR A 370 -9.18 -4.14 18.19
C THR A 370 -10.02 -5.42 18.39
N TRP A 371 -11.28 -5.37 17.97
CA TRP A 371 -12.21 -6.51 18.17
C TRP A 371 -13.51 -6.38 17.38
N GLN A 372 -14.02 -7.51 16.90
CA GLN A 372 -15.37 -7.56 16.33
C GLN A 372 -16.17 -8.77 16.81
N THR A 373 -17.50 -8.61 16.77
CA THR A 373 -18.43 -9.62 17.25
C THR A 373 -19.66 -9.64 16.37
N SER A 374 -20.06 -10.82 15.93
CA SER A 374 -21.18 -10.97 15.02
C SER A 374 -22.16 -12.02 15.52
N ALA A 375 -23.45 -11.79 15.25
CA ALA A 375 -24.52 -12.70 15.67
C ALA A 375 -25.32 -13.18 14.47
N GLY A 376 -25.66 -14.47 14.46
CA GLY A 376 -26.33 -15.06 13.31
C GLY A 376 -27.49 -15.99 13.64
N TRP A 377 -28.66 -15.40 13.86
CA TRP A 377 -29.86 -16.16 14.13
C TRP A 377 -30.64 -16.43 12.86
N GLU A 378 -30.99 -17.69 12.65
CA GLU A 378 -31.68 -18.16 11.46
C GLU A 378 -33.18 -18.32 11.74
N PHE A 379 -33.95 -17.25 11.54
CA PHE A 379 -35.38 -17.22 11.89
C PHE A 379 -36.24 -18.23 11.11
N ILE A 380 -36.05 -18.28 9.79
CA ILE A 380 -36.67 -19.32 8.95
C ILE A 380 -35.56 -20.15 8.32
N GLU A 381 -35.82 -21.44 8.12
CA GLU A 381 -34.86 -22.31 7.44
C GLU A 381 -34.53 -21.77 6.04
N GLY A 382 -33.31 -21.25 5.91
CA GLY A 382 -32.85 -20.67 4.65
C GLY A 382 -32.98 -19.16 4.58
N TYR A 383 -33.31 -18.53 5.70
CA TYR A 383 -33.38 -17.06 5.80
C TYR A 383 -32.87 -16.64 7.18
N ARG A 384 -31.85 -15.78 7.20
CA ARG A 384 -31.28 -15.31 8.48
C ARG A 384 -30.84 -13.85 8.47
N PHE A 385 -30.69 -13.30 9.68
CA PHE A 385 -30.35 -11.90 9.91
C PHE A 385 -29.01 -11.80 10.62
N ILE A 386 -28.07 -11.07 10.03
CA ILE A 386 -26.77 -10.87 10.64
C ILE A 386 -26.60 -9.44 11.15
N ALA A 387 -26.27 -9.32 12.43
CA ALA A 387 -25.84 -8.06 13.02
C ALA A 387 -24.38 -8.20 13.46
N SER A 388 -23.65 -7.10 13.46
CA SER A 388 -22.23 -7.12 13.83
C SER A 388 -21.63 -5.75 14.09
N TYR A 389 -20.71 -5.71 15.05
CA TYR A 389 -19.97 -4.51 15.38
C TYR A 389 -18.48 -4.82 15.32
N GLY A 390 -17.68 -3.86 14.86
CA GLY A 390 -16.24 -4.03 14.81
C GLY A 390 -15.45 -2.74 14.89
N THR A 391 -14.27 -2.82 15.49
CA THR A 391 -13.33 -1.70 15.54
C THR A 391 -12.09 -2.07 14.74
N SER A 392 -11.64 -1.16 13.89
CA SER A 392 -10.47 -1.39 13.05
C SER A 392 -9.58 -0.15 12.97
N TYR A 393 -8.26 -0.34 12.89
CA TYR A 393 -7.34 0.80 12.87
C TYR A 393 -6.52 0.92 11.58
N LYS A 394 -5.75 2.01 11.47
CA LYS A 394 -4.73 2.16 10.42
C LYS A 394 -3.52 2.95 10.93
N ALA A 395 -2.34 2.34 10.76
CA ALA A 395 -1.09 2.89 11.26
C ALA A 395 -0.59 4.02 10.40
N PRO A 396 -0.04 5.07 11.03
CA PRO A 396 0.63 6.16 10.31
C PRO A 396 1.76 5.62 9.46
N ASN A 397 1.92 6.17 8.25
CA ASN A 397 2.89 5.64 7.30
C ASN A 397 4.24 6.36 7.29
N LEU A 398 5.25 5.65 6.79
CA LEU A 398 6.64 6.06 6.77
C LEU A 398 6.81 7.54 6.51
N GLY A 399 6.18 8.01 5.42
CA GLY A 399 6.19 9.41 5.05
C GLY A 399 5.68 10.32 6.14
N GLN A 400 4.45 10.08 6.58
CA GLN A 400 3.79 10.98 7.52
C GLN A 400 4.32 10.87 8.96
N LEU A 401 5.37 10.08 9.16
CA LEU A 401 6.05 10.00 10.45
C LEU A 401 7.42 10.67 10.44
N TYR A 402 8.24 10.35 9.44
CA TYR A 402 9.65 10.76 9.44
C TYR A 402 10.04 11.75 8.34
N GLY A 403 9.09 12.03 7.44
CA GLY A 403 9.30 13.02 6.39
C GLY A 403 9.34 14.44 6.93
N PHE A 404 9.54 15.40 6.04
CA PHE A 404 9.58 16.81 6.41
C PHE A 404 8.22 17.24 6.93
N TYR A 405 7.17 16.77 6.26
CA TYR A 405 5.81 17.03 6.68
C TYR A 405 5.46 16.14 7.87
N GLY A 406 6.19 15.03 8.00
CA GLY A 406 5.96 14.01 9.04
C GLY A 406 5.90 14.46 10.50
N ASN A 407 5.46 13.53 11.34
CA ASN A 407 5.25 13.76 12.77
C ASN A 407 5.33 12.41 13.48
N PRO A 408 6.37 12.19 14.31
CA PRO A 408 6.62 10.88 14.92
C PRO A 408 5.66 10.48 16.04
N ASN A 409 4.81 11.41 16.48
CA ASN A 409 3.89 11.15 17.60
C ASN A 409 2.47 10.89 17.15
N LEU A 410 2.29 10.58 15.86
CA LEU A 410 0.98 10.35 15.30
C LEU A 410 0.38 9.07 15.85
N ASP A 411 -0.94 9.07 15.98
CA ASP A 411 -1.68 7.90 16.41
C ASP A 411 -2.34 7.24 15.21
N PRO A 412 -2.71 5.95 15.33
CA PRO A 412 -3.37 5.26 14.22
C PRO A 412 -4.74 5.87 13.91
N GLU A 413 -5.19 5.72 12.67
CA GLU A 413 -6.52 6.17 12.27
C GLU A 413 -7.52 5.15 12.81
N LYS A 414 -8.60 5.63 13.44
CA LYS A 414 -9.56 4.77 14.13
C LYS A 414 -10.87 4.62 13.36
N SER A 415 -11.47 3.44 13.45
CA SER A 415 -12.71 3.15 12.73
C SER A 415 -13.68 2.25 13.52
N LYS A 416 -14.84 2.81 13.83
CA LYS A 416 -15.95 2.05 14.40
C LYS A 416 -16.95 1.72 13.29
N GLN A 417 -17.30 0.44 13.20
CA GLN A 417 -18.07 -0.09 12.08
C GLN A 417 -19.23 -0.95 12.58
N TRP A 418 -20.45 -0.65 12.13
CA TRP A 418 -21.62 -1.45 12.50
C TRP A 418 -22.44 -1.88 11.29
N GLU A 419 -22.95 -3.12 11.29
CA GLU A 419 -23.58 -3.68 10.09
C GLU A 419 -24.72 -4.64 10.39
N GLY A 420 -25.80 -4.50 9.62
CA GLY A 420 -26.96 -5.39 9.70
C GLY A 420 -27.36 -5.90 8.32
N ALA A 421 -27.74 -7.17 8.25
CA ALA A 421 -27.98 -7.84 6.96
C ALA A 421 -29.03 -8.94 7.00
N PHE A 422 -29.67 -9.18 5.85
CA PHE A 422 -30.60 -10.28 5.68
C PHE A 422 -30.17 -11.11 4.47
N GLU A 423 -29.79 -12.36 4.72
CA GLU A 423 -29.45 -13.28 3.62
C GLU A 423 -30.46 -14.40 3.56
N GLY A 424 -30.72 -14.89 2.35
CA GLY A 424 -31.70 -15.96 2.16
C GLY A 424 -31.67 -16.60 0.79
N LEU A 425 -32.19 -17.82 0.71
CA LEU A 425 -32.31 -18.53 -0.56
C LEU A 425 -33.77 -18.58 -0.95
N THR A 426 -34.11 -17.98 -2.09
CA THR A 426 -35.49 -17.94 -2.59
C THR A 426 -35.57 -18.49 -4.01
N ALA A 427 -36.33 -19.58 -4.18
CA ALA A 427 -36.56 -20.20 -5.49
C ALA A 427 -35.38 -20.12 -6.46
N GLY A 428 -34.22 -20.62 -6.02
CA GLY A 428 -33.01 -20.70 -6.85
C GLY A 428 -32.19 -19.42 -6.89
N VAL A 429 -32.51 -18.48 -6.02
CA VAL A 429 -31.81 -17.19 -5.94
C VAL A 429 -31.23 -17.00 -4.54
N ASN A 430 -29.94 -16.70 -4.47
CA ASN A 430 -29.32 -16.29 -3.21
C ASN A 430 -29.17 -14.77 -3.18
N TRP A 431 -29.70 -14.15 -2.14
CA TRP A 431 -29.68 -12.69 -2.06
C TRP A 431 -29.16 -12.15 -0.74
N ARG A 432 -28.70 -10.90 -0.78
CA ARG A 432 -28.28 -10.17 0.42
C ARG A 432 -28.66 -8.70 0.33
N ILE A 433 -29.43 -8.23 1.31
CA ILE A 433 -29.62 -6.79 1.53
C ILE A 433 -29.01 -6.47 2.88
N SER A 434 -28.05 -5.55 2.87
CA SER A 434 -27.29 -5.20 4.06
C SER A 434 -26.93 -3.73 4.09
N GLY A 435 -26.94 -3.17 5.29
CA GLY A 435 -26.57 -1.78 5.50
C GLY A 435 -25.42 -1.69 6.47
N TYR A 436 -24.51 -0.76 6.21
CA TYR A 436 -23.33 -0.58 7.05
C TYR A 436 -23.09 0.87 7.46
N ARG A 437 -22.58 1.03 8.67
CA ARG A 437 -22.17 2.31 9.22
C ARG A 437 -20.66 2.23 9.45
N ASN A 438 -19.95 3.30 9.10
CA ASN A 438 -18.51 3.32 9.27
C ASN A 438 -18.05 4.69 9.70
N ASP A 439 -17.64 4.79 10.97
CA ASP A 439 -17.19 6.05 11.53
C ASP A 439 -15.67 6.08 11.70
N VAL A 440 -14.96 6.41 10.63
CA VAL A 440 -13.53 6.64 10.72
C VAL A 440 -13.24 7.97 11.43
N SER A 441 -12.34 7.93 12.40
CA SER A 441 -11.94 9.12 13.14
C SER A 441 -10.43 9.20 13.29
N ASP A 442 -9.93 10.33 13.78
CA ASP A 442 -8.50 10.62 13.91
C ASP A 442 -7.76 10.36 12.60
N LEU A 443 -8.27 10.90 11.50
CA LEU A 443 -7.60 10.77 10.22
C LEU A 443 -6.35 11.63 10.21
N ILE A 444 -5.34 11.16 9.50
CA ILE A 444 -4.08 11.88 9.40
C ILE A 444 -4.16 12.80 8.17
N ASP A 445 -4.00 14.10 8.41
CA ASP A 445 -4.15 15.11 7.36
C ASP A 445 -2.98 16.09 7.31
N TYR A 446 -2.69 16.60 6.11
CA TYR A 446 -1.65 17.60 5.91
C TYR A 446 -2.22 19.01 6.05
N ASP A 447 -1.50 19.87 6.76
CA ASP A 447 -1.89 21.27 6.92
C ASP A 447 -0.93 22.21 6.19
N ASP A 448 -1.48 23.05 5.33
CA ASP A 448 -0.69 24.00 4.53
C ASP A 448 -0.07 25.12 5.37
N HIS A 449 -0.86 25.65 6.29
CA HIS A 449 -0.47 26.82 7.08
C HIS A 449 0.56 26.47 8.17
N THR A 450 0.99 25.21 8.24
CA THR A 450 2.00 24.78 9.22
C THR A 450 3.08 23.89 8.62
N LEU A 451 2.76 23.22 7.51
CA LEU A 451 3.68 22.28 6.82
C LEU A 451 3.98 20.99 7.59
N LYS A 452 2.96 20.41 8.22
CA LYS A 452 3.08 19.13 8.91
C LYS A 452 1.83 18.25 8.80
N TYR A 453 2.03 16.95 9.00
CA TYR A 453 0.93 15.99 9.06
C TYR A 453 0.37 15.93 10.47
N TYR A 454 -0.92 16.25 10.60
CA TYR A 454 -1.59 16.24 11.89
C TYR A 454 -2.60 15.10 11.97
N ASN A 455 -3.18 14.92 13.14
CA ASN A 455 -4.09 13.81 13.41
C ASN A 455 -5.49 14.35 13.71
N GLU A 456 -6.22 14.78 12.69
CA GLU A 456 -7.49 15.50 12.93
C GLU A 456 -8.77 14.91 12.32
N GLY A 457 -8.77 14.70 11.00
CA GLY A 457 -10.01 14.39 10.26
C GLY A 457 -10.92 13.29 10.76
N LYS A 458 -12.17 13.34 10.31
CA LYS A 458 -13.20 12.34 10.63
C LYS A 458 -14.10 12.10 9.42
N ALA A 459 -14.79 10.96 9.37
CA ALA A 459 -15.71 10.66 8.27
C ALA A 459 -16.85 9.71 8.65
N ARG A 460 -18.07 10.07 8.25
CA ARG A 460 -19.28 9.27 8.48
C ARG A 460 -19.69 8.61 7.16
N ILE A 461 -19.42 7.31 7.07
CA ILE A 461 -19.76 6.53 5.87
C ILE A 461 -20.98 5.65 6.10
N LYS A 462 -21.95 5.79 5.21
CA LYS A 462 -23.18 5.01 5.23
C LYS A 462 -23.41 4.44 3.84
N GLY A 463 -23.74 3.14 3.78
CA GLY A 463 -24.05 2.51 2.51
C GLY A 463 -24.91 1.25 2.59
N VAL A 464 -25.41 0.83 1.43
CA VAL A 464 -26.19 -0.39 1.31
C VAL A 464 -25.53 -1.35 0.30
N GLU A 465 -25.59 -2.64 0.58
CA GLU A 465 -25.06 -3.67 -0.32
C GLU A 465 -26.17 -4.64 -0.70
N ALA A 466 -26.41 -4.77 -2.01
CA ALA A 466 -27.49 -5.62 -2.51
C ALA A 466 -26.96 -6.58 -3.57
N THR A 467 -26.81 -7.84 -3.18
CA THR A 467 -26.30 -8.87 -4.09
C THR A 467 -27.34 -9.96 -4.30
N ALA A 468 -27.33 -10.56 -5.49
CA ALA A 468 -28.15 -11.72 -5.80
C ALA A 468 -27.60 -12.47 -7.00
N ASN A 469 -27.43 -13.78 -6.86
CA ASN A 469 -27.06 -14.61 -8.02
C ASN A 469 -28.03 -15.77 -8.21
N PHE A 470 -28.35 -16.04 -9.48
CA PHE A 470 -29.40 -16.99 -9.83
C PHE A 470 -29.24 -17.54 -11.25
N ASP A 471 -29.63 -18.80 -11.42
CA ASP A 471 -29.69 -19.42 -12.73
C ASP A 471 -31.08 -19.21 -13.30
N THR A 472 -31.17 -18.93 -14.60
CA THR A 472 -32.44 -18.97 -15.32
C THR A 472 -32.24 -19.79 -16.59
N GLY A 473 -32.48 -21.09 -16.48
CA GLY A 473 -32.26 -22.04 -17.58
C GLY A 473 -30.78 -22.19 -17.90
N PRO A 474 -30.41 -22.05 -19.18
CA PRO A 474 -29.01 -22.09 -19.61
C PRO A 474 -28.22 -20.85 -19.15
N LEU A 475 -28.93 -19.85 -18.63
CA LEU A 475 -28.32 -18.58 -18.20
C LEU A 475 -27.93 -18.61 -16.73
N THR A 476 -26.79 -17.97 -16.41
CA THR A 476 -26.32 -17.82 -15.03
C THR A 476 -26.02 -16.35 -14.72
N HIS A 477 -26.79 -15.76 -13.81
CA HIS A 477 -26.69 -14.33 -13.51
C HIS A 477 -25.99 -14.08 -12.20
N THR A 478 -24.95 -13.23 -12.23
CA THR A 478 -24.30 -12.77 -11.00
C THR A 478 -24.34 -11.25 -10.94
N VAL A 479 -25.42 -10.72 -10.38
CA VAL A 479 -25.61 -9.28 -10.26
C VAL A 479 -25.39 -8.80 -8.82
N SER A 480 -25.05 -7.52 -8.68
CA SER A 480 -24.92 -6.90 -7.36
C SER A 480 -25.01 -5.38 -7.46
N TYR A 481 -25.63 -4.78 -6.45
CA TYR A 481 -25.78 -3.35 -6.35
C TYR A 481 -25.06 -2.83 -5.12
N ASP A 482 -24.39 -1.69 -5.27
CA ASP A 482 -23.74 -1.03 -4.14
C ASP A 482 -24.17 0.41 -4.12
N TYR A 483 -24.49 0.91 -2.92
CA TYR A 483 -24.73 2.34 -2.72
C TYR A 483 -23.82 2.82 -1.61
N VAL A 484 -23.09 3.91 -1.87
CA VAL A 484 -22.26 4.50 -0.83
C VAL A 484 -22.28 6.02 -0.87
N ASP A 485 -22.43 6.61 0.32
CA ASP A 485 -22.32 8.04 0.49
C ASP A 485 -21.30 8.29 1.59
N ALA A 486 -20.03 8.34 1.19
CA ALA A 486 -18.95 8.66 2.10
C ALA A 486 -18.85 10.18 2.21
N ARG A 487 -18.89 10.67 3.44
CA ARG A 487 -18.87 12.10 3.71
C ARG A 487 -17.81 12.47 4.74
N ASN A 488 -17.37 13.72 4.71
CA ASN A 488 -16.57 14.29 5.79
C ASN A 488 -17.50 14.55 6.98
N ALA A 489 -17.13 14.01 8.14
CA ALA A 489 -17.96 14.11 9.33
C ALA A 489 -18.09 15.54 9.85
N ILE A 490 -17.12 16.38 9.53
CA ILE A 490 -17.11 17.78 9.94
C ILE A 490 -17.90 18.66 8.97
N THR A 491 -17.52 18.63 7.69
CA THR A 491 -18.07 19.55 6.69
C THR A 491 -19.38 19.09 6.05
N ASP A 492 -19.74 17.83 6.29
CA ASP A 492 -20.90 17.18 5.66
C ASP A 492 -20.77 17.14 4.12
N THR A 493 -19.60 17.49 3.63
CA THR A 493 -19.31 17.45 2.20
C THR A 493 -18.75 16.07 1.83
N PRO A 494 -19.08 15.57 0.62
CA PRO A 494 -18.74 14.18 0.27
C PRO A 494 -17.26 13.97 -0.04
N LEU A 495 -16.69 12.88 0.48
CA LEU A 495 -15.33 12.49 0.15
C LEU A 495 -15.26 12.30 -1.35
N LEU A 496 -14.40 13.07 -2.00
CA LEU A 496 -14.34 13.12 -3.47
C LEU A 496 -13.75 11.86 -4.13
N ARG A 497 -13.97 11.73 -5.44
CA ARG A 497 -13.47 10.63 -6.29
C ARG A 497 -14.08 9.24 -6.00
N ARG A 498 -15.00 9.18 -5.04
CA ARG A 498 -15.83 7.99 -4.85
C ARG A 498 -16.97 8.05 -5.87
N ALA A 499 -17.41 6.89 -6.33
CA ALA A 499 -18.59 6.81 -7.20
C ALA A 499 -19.85 6.55 -6.36
N LYS A 500 -20.88 7.38 -6.56
CA LYS A 500 -22.11 7.35 -5.77
C LYS A 500 -22.68 5.93 -5.57
N GLN A 501 -22.77 5.18 -6.66
CA GLN A 501 -23.33 3.83 -6.67
C GLN A 501 -22.96 3.11 -7.96
N GLN A 502 -22.67 1.81 -7.84
CA GLN A 502 -22.33 1.01 -9.01
C GLN A 502 -23.34 -0.12 -9.22
N VAL A 503 -23.53 -0.52 -10.47
CA VAL A 503 -24.26 -1.74 -10.78
C VAL A 503 -23.33 -2.66 -11.55
N LYS A 504 -23.07 -3.83 -10.97
CA LYS A 504 -22.24 -4.85 -11.60
C LYS A 504 -23.09 -6.10 -11.87
N TYR A 505 -23.17 -6.48 -13.15
CA TYR A 505 -24.02 -7.57 -13.62
C TYR A 505 -23.29 -8.40 -14.67
N GLN A 506 -23.16 -9.70 -14.43
CA GLN A 506 -22.60 -10.61 -15.44
C GLN A 506 -23.51 -11.78 -15.81
N LEU A 507 -23.75 -11.93 -17.11
CA LEU A 507 -24.57 -13.00 -17.65
C LEU A 507 -23.71 -14.08 -18.31
N ASP A 508 -23.66 -15.25 -17.69
CA ASP A 508 -22.89 -16.38 -18.19
C ASP A 508 -23.81 -17.45 -18.76
N TRP A 509 -23.63 -17.78 -20.03
CA TRP A 509 -24.36 -18.87 -20.66
C TRP A 509 -23.59 -19.49 -21.82
N GLN A 510 -22.94 -20.62 -21.57
CA GLN A 510 -22.26 -21.35 -22.62
C GLN A 510 -23.27 -22.09 -23.52
N LEU A 511 -23.11 -22.01 -24.84
CA LEU A 511 -24.08 -22.56 -25.78
C LEU A 511 -23.45 -23.12 -27.07
N TYR A 512 -23.77 -24.39 -27.38
CA TYR A 512 -23.13 -25.17 -28.45
C TYR A 512 -21.62 -25.29 -28.22
N ASP A 513 -21.26 -25.59 -26.96
CA ASP A 513 -19.87 -25.65 -26.46
C ASP A 513 -19.15 -24.29 -26.49
N PHE A 514 -19.74 -23.32 -27.19
CA PHE A 514 -19.29 -21.92 -27.13
C PHE A 514 -19.57 -21.37 -25.73
N ASP A 515 -18.53 -20.94 -25.03
CA ASP A 515 -18.71 -20.37 -23.71
C ASP A 515 -18.94 -18.87 -23.82
N TRP A 516 -20.07 -18.40 -23.29
CA TRP A 516 -20.42 -16.98 -23.35
C TRP A 516 -20.49 -16.34 -21.97
N GLY A 517 -20.22 -15.04 -21.94
CA GLY A 517 -20.29 -14.24 -20.72
C GLY A 517 -20.30 -12.77 -21.08
N ILE A 518 -21.33 -12.06 -20.60
CA ILE A 518 -21.46 -10.62 -20.84
C ILE A 518 -21.35 -9.86 -19.53
N THR A 519 -20.15 -9.36 -19.26
CA THR A 519 -19.93 -8.55 -18.08
C THR A 519 -20.35 -7.10 -18.32
N TYR A 520 -21.29 -6.64 -17.51
CA TYR A 520 -21.77 -5.27 -17.53
C TYR A 520 -21.38 -4.55 -16.24
N GLN A 521 -21.20 -3.24 -16.34
CA GLN A 521 -20.90 -2.41 -15.19
C GLN A 521 -21.38 -0.98 -15.42
N TYR A 522 -22.27 -0.52 -14.54
CA TYR A 522 -22.62 0.89 -14.48
C TYR A 522 -21.99 1.51 -13.25
N LEU A 523 -20.89 2.22 -13.46
CA LEU A 523 -20.25 2.98 -12.38
C LEU A 523 -20.75 4.42 -12.39
N GLY A 524 -21.28 4.84 -11.24
CA GLY A 524 -21.95 6.13 -11.08
C GLY A 524 -21.02 7.33 -11.14
N THR A 525 -21.46 8.43 -10.53
CA THR A 525 -20.78 9.70 -10.67
C THR A 525 -19.72 9.95 -9.60
N ARG A 526 -18.47 9.99 -10.04
CA ARG A 526 -17.35 10.44 -9.22
C ARG A 526 -17.41 11.96 -9.08
N TYR A 527 -16.66 12.50 -8.12
CA TYR A 527 -16.41 13.94 -8.04
C TYR A 527 -14.91 14.19 -7.92
N ASP A 528 -14.28 14.61 -9.00
CA ASP A 528 -12.85 14.89 -8.98
C ASP A 528 -12.55 16.37 -9.18
N LYS A 529 -11.34 16.77 -8.83
CA LYS A 529 -10.85 18.13 -9.06
C LYS A 529 -10.31 18.31 -10.47
N ASP A 530 -10.53 19.48 -11.06
CA ASP A 530 -9.97 19.83 -12.37
C ASP A 530 -8.60 20.48 -12.17
N TYR A 531 -7.62 20.01 -12.94
CA TYR A 531 -6.25 20.52 -12.84
C TYR A 531 -5.79 21.40 -14.02
N SER A 532 -6.74 22.05 -14.68
CA SER A 532 -6.43 22.95 -15.81
C SER A 532 -6.30 24.41 -15.38
N SER A 533 -7.25 24.88 -14.56
CA SER A 533 -7.23 26.26 -14.06
C SER A 533 -7.02 26.30 -12.55
N TYR A 534 -6.43 27.40 -12.08
CA TYR A 534 -6.11 27.59 -10.67
C TYR A 534 -6.84 28.81 -10.08
N PRO A 535 -7.46 28.67 -8.90
CA PRO A 535 -7.48 27.50 -8.00
C PRO A 535 -8.16 26.29 -8.62
N TYR A 536 -7.74 25.10 -8.21
CA TYR A 536 -8.29 23.87 -8.77
C TYR A 536 -9.73 23.66 -8.35
N GLN A 537 -10.62 23.71 -9.33
CA GLN A 537 -12.06 23.63 -9.10
C GLN A 537 -12.55 22.20 -9.24
N THR A 538 -13.37 21.77 -8.27
CA THR A 538 -13.96 20.44 -8.29
C THR A 538 -14.98 20.36 -9.42
N VAL A 539 -15.05 19.20 -10.07
CA VAL A 539 -15.93 19.02 -11.23
C VAL A 539 -16.69 17.70 -11.13
N LYS A 540 -17.83 17.63 -11.83
CA LYS A 540 -18.68 16.44 -11.83
C LYS A 540 -18.24 15.46 -12.92
N MET A 541 -18.13 14.19 -12.54
CA MET A 541 -17.85 13.11 -13.50
C MET A 541 -19.18 12.52 -13.97
N GLY A 542 -19.27 12.24 -15.26
CA GLY A 542 -20.46 11.58 -15.81
C GLY A 542 -20.58 10.14 -15.33
N GLY A 543 -21.82 9.69 -15.12
CA GLY A 543 -22.08 8.29 -14.79
C GLY A 543 -22.32 7.49 -16.05
N VAL A 544 -21.54 6.42 -16.23
CA VAL A 544 -21.55 5.66 -17.49
C VAL A 544 -21.68 4.14 -17.36
N SER A 545 -22.13 3.50 -18.44
CA SER A 545 -22.25 2.04 -18.54
C SER A 545 -21.06 1.46 -19.31
N LEU A 546 -20.65 0.25 -18.93
CA LEU A 546 -19.54 -0.40 -19.62
C LEU A 546 -19.85 -1.87 -19.91
N TRP A 547 -19.76 -2.25 -21.19
CA TRP A 547 -20.08 -3.61 -21.66
C TRP A 547 -18.82 -4.31 -22.12
N ASP A 548 -18.73 -5.61 -21.82
CA ASP A 548 -17.61 -6.44 -22.28
C ASP A 548 -18.15 -7.77 -22.78
N LEU A 549 -17.64 -8.24 -23.92
CA LEU A 549 -18.07 -9.50 -24.50
C LEU A 549 -16.91 -10.49 -24.50
N ALA A 550 -17.18 -11.73 -24.08
CA ALA A 550 -16.14 -12.77 -24.01
C ALA A 550 -16.61 -14.15 -24.49
N VAL A 551 -15.91 -14.71 -25.47
CA VAL A 551 -16.17 -16.08 -25.94
C VAL A 551 -14.98 -16.99 -25.70
N ALA A 552 -15.28 -18.27 -25.48
CA ALA A 552 -14.27 -19.32 -25.38
C ALA A 552 -14.77 -20.62 -26.00
N TYR A 553 -14.03 -21.11 -26.98
CA TYR A 553 -14.34 -22.39 -27.59
C TYR A 553 -13.24 -23.39 -27.25
N PRO A 554 -13.62 -24.62 -26.89
CA PRO A 554 -12.65 -25.69 -26.74
C PRO A 554 -12.51 -26.49 -28.02
N VAL A 555 -11.39 -26.33 -28.72
CA VAL A 555 -11.12 -27.12 -29.92
C VAL A 555 -10.83 -28.57 -29.51
N THR A 556 -9.71 -28.79 -28.82
CA THR A 556 -9.38 -30.13 -28.30
C THR A 556 -9.74 -30.18 -26.83
N SER A 557 -9.59 -31.35 -26.21
CA SER A 557 -9.65 -31.46 -24.75
C SER A 557 -8.37 -30.87 -24.17
N HIS A 558 -7.75 -29.98 -24.94
CA HIS A 558 -6.50 -29.34 -24.58
C HIS A 558 -6.51 -27.86 -25.01
N LEU A 559 -6.58 -27.63 -26.32
CA LEU A 559 -6.66 -26.27 -26.86
C LEU A 559 -8.02 -25.64 -26.65
N THR A 560 -8.01 -24.54 -25.90
CA THR A 560 -9.20 -23.69 -25.73
C THR A 560 -8.82 -22.31 -26.23
N VAL A 561 -9.45 -21.89 -27.32
CA VAL A 561 -9.21 -20.55 -27.85
C VAL A 561 -10.27 -19.61 -27.29
N ARG A 562 -9.83 -18.50 -26.72
CA ARG A 562 -10.75 -17.54 -26.13
C ARG A 562 -10.54 -16.16 -26.73
N GLY A 563 -11.64 -15.44 -26.94
CA GLY A 563 -11.58 -14.10 -27.49
C GLY A 563 -12.34 -13.14 -26.60
N LYS A 564 -11.98 -11.87 -26.64
CA LYS A 564 -12.65 -10.85 -25.84
C LYS A 564 -12.61 -9.49 -26.50
N ILE A 565 -13.75 -8.80 -26.45
CA ILE A 565 -13.86 -7.41 -26.87
C ILE A 565 -14.19 -6.59 -25.62
N ALA A 566 -13.20 -5.87 -25.11
CA ALA A 566 -13.38 -5.09 -23.88
C ALA A 566 -13.81 -3.68 -24.19
N ASN A 567 -14.81 -3.20 -23.46
CA ASN A 567 -15.51 -1.93 -23.74
C ASN A 567 -16.08 -1.88 -25.15
N LEU A 568 -17.14 -2.66 -25.34
CA LEU A 568 -17.77 -2.89 -26.64
C LEU A 568 -18.15 -1.61 -27.35
N PHE A 569 -18.80 -0.71 -26.63
CA PHE A 569 -19.39 0.50 -27.21
C PHE A 569 -18.48 1.72 -27.25
N ASP A 570 -17.16 1.49 -27.05
CA ASP A 570 -16.12 2.52 -27.16
C ASP A 570 -16.45 3.79 -26.36
N LYS A 571 -16.65 3.62 -25.06
CA LYS A 571 -17.04 4.71 -24.17
C LYS A 571 -15.85 5.59 -23.76
N ASP A 572 -16.12 6.87 -23.51
CA ASP A 572 -15.11 7.85 -23.12
C ASP A 572 -15.07 8.13 -21.60
N TYR A 573 -14.96 7.08 -20.81
CA TYR A 573 -14.92 7.23 -19.36
C TYR A 573 -13.51 7.57 -18.86
N GLU A 574 -13.45 8.23 -17.70
CA GLU A 574 -12.21 8.46 -16.96
C GLU A 574 -12.48 8.21 -15.48
N THR A 575 -11.49 7.70 -14.75
CA THR A 575 -11.65 7.59 -13.30
C THR A 575 -10.76 8.58 -12.56
N VAL A 576 -9.65 8.98 -13.18
CA VAL A 576 -8.89 10.12 -12.69
C VAL A 576 -9.05 11.22 -13.72
N TYR A 577 -9.67 12.33 -13.32
CA TYR A 577 -9.96 13.41 -14.26
C TYR A 577 -8.71 13.84 -15.00
N GLY A 578 -8.78 13.79 -16.32
CA GLY A 578 -7.65 14.12 -17.18
C GLY A 578 -7.13 12.89 -17.89
N TYR A 579 -6.81 11.86 -17.10
CA TYR A 579 -6.22 10.62 -17.60
C TYR A 579 -7.24 9.75 -18.36
N GLN A 580 -6.97 9.51 -19.64
CA GLN A 580 -7.85 8.72 -20.50
C GLN A 580 -7.63 7.22 -20.34
N THR A 581 -8.71 6.45 -20.45
CA THR A 581 -8.65 4.98 -20.39
C THR A 581 -9.27 4.40 -21.65
N ALA A 582 -8.62 3.37 -22.19
CA ALA A 582 -8.94 2.83 -23.51
C ALA A 582 -10.39 2.39 -23.69
N GLY A 583 -10.88 2.55 -24.92
CA GLY A 583 -12.23 2.12 -25.29
C GLY A 583 -12.21 0.78 -25.99
N ARG A 584 -12.61 0.76 -27.26
CA ARG A 584 -12.55 -0.45 -28.08
C ARG A 584 -11.14 -1.03 -28.01
N GLU A 585 -11.07 -2.30 -27.61
CA GLU A 585 -9.82 -3.06 -27.55
C GLU A 585 -10.10 -4.57 -27.58
N TYR A 586 -9.28 -5.28 -28.33
CA TYR A 586 -9.50 -6.69 -28.64
C TYR A 586 -8.39 -7.59 -28.14
N THR A 587 -8.75 -8.82 -27.77
CA THR A 587 -7.78 -9.81 -27.31
C THR A 587 -8.12 -11.22 -27.79
N LEU A 588 -7.18 -11.81 -28.53
CA LEU A 588 -7.24 -13.23 -28.89
C LEU A 588 -6.23 -13.99 -28.05
N SER A 589 -6.65 -15.13 -27.53
CA SER A 589 -5.81 -15.93 -26.64
C SER A 589 -6.12 -17.42 -26.74
N GLY A 590 -5.11 -18.23 -26.42
CA GLY A 590 -5.25 -19.69 -26.44
C GLY A 590 -4.50 -20.29 -25.28
N SER A 591 -5.00 -21.41 -24.76
CA SER A 591 -4.35 -22.15 -23.68
C SER A 591 -4.39 -23.66 -23.95
N TYR A 592 -3.35 -24.36 -23.51
CA TYR A 592 -3.16 -25.77 -23.87
C TYR A 592 -2.97 -26.65 -22.64
N THR A 593 -4.06 -27.26 -22.16
CA THR A 593 -4.03 -28.05 -20.94
C THR A 593 -3.76 -29.52 -21.24
N PHE A 594 -2.73 -30.09 -20.60
CA PHE A 594 -2.43 -31.53 -20.71
C PHE A 594 -1.86 -32.10 -19.40
N ARG B 9 68.35 47.12 40.19
CA ARG B 9 68.49 45.73 40.71
C ARG B 9 67.51 44.76 40.07
N ASN B 10 66.33 45.25 39.73
CA ASN B 10 65.30 44.45 39.05
C ASN B 10 65.42 44.49 37.53
N TYR B 11 66.66 44.49 37.04
CA TYR B 11 66.98 44.56 35.61
C TYR B 11 66.42 43.37 34.82
N GLU B 12 66.25 42.24 35.49
CA GLU B 12 65.77 41.01 34.85
C GLU B 12 64.35 40.64 35.24
N ARG B 13 63.99 40.81 36.52
CA ARG B 13 62.67 40.40 37.02
C ARG B 13 61.52 41.08 36.29
N ALA B 14 61.69 42.37 35.98
CA ALA B 14 60.71 43.13 35.22
C ALA B 14 60.63 42.62 33.78
N ARG B 15 61.80 42.36 33.19
CA ARG B 15 61.88 41.80 31.84
C ARG B 15 61.13 40.48 31.76
N ALA B 16 61.51 39.52 32.60
CA ALA B 16 60.94 38.16 32.59
C ALA B 16 59.42 38.11 32.63
N GLU B 17 58.82 39.04 33.38
CA GLU B 17 57.35 39.11 33.49
C GLU B 17 56.71 39.85 32.32
N LEU B 18 57.44 40.76 31.68
CA LEU B 18 56.95 41.48 30.51
C LEU B 18 57.25 40.72 29.22
N ASN B 19 58.47 40.16 29.11
CA ASN B 19 58.84 39.30 28.00
C ASN B 19 57.94 38.08 27.89
N GLN B 20 57.41 37.66 29.03
CA GLN B 20 56.38 36.63 29.06
C GLN B 20 55.05 37.22 28.60
N ALA B 21 54.71 38.41 29.11
CA ALA B 21 53.44 39.07 28.82
C ALA B 21 53.29 39.46 27.34
N ASN B 22 54.40 39.69 26.67
CA ASN B 22 54.37 40.01 25.25
C ASN B 22 54.22 38.76 24.37
N GLU B 23 54.63 37.61 24.89
CA GLU B 23 54.36 36.33 24.23
C GLU B 23 52.94 35.89 24.55
N ASP B 24 52.48 36.26 25.74
CA ASP B 24 51.13 35.96 26.23
C ASP B 24 50.09 36.58 25.29
N VAL B 25 50.33 37.81 24.87
CA VAL B 25 49.44 38.50 23.96
C VAL B 25 49.65 38.04 22.51
N ALA B 26 50.88 37.65 22.19
CA ALA B 26 51.22 37.20 20.82
C ALA B 26 50.55 35.88 20.46
N ARG B 27 50.70 34.88 21.33
CA ARG B 27 50.05 33.58 21.15
C ARG B 27 48.52 33.73 21.15
N ASN B 28 48.05 34.80 21.79
CA ASN B 28 46.64 35.08 21.93
C ASN B 28 46.09 35.86 20.74
N GLN B 29 46.96 36.61 20.07
CA GLN B 29 46.59 37.28 18.83
C GLN B 29 46.39 36.24 17.74
N GLU B 30 47.21 35.20 17.76
CA GLU B 30 47.10 34.08 16.83
C GLU B 30 45.79 33.33 17.02
N ARG B 31 45.39 33.15 18.28
CA ARG B 31 44.11 32.53 18.64
C ARG B 31 42.93 33.28 18.02
N GLN B 32 42.87 34.58 18.26
CA GLN B 32 41.77 35.41 17.78
C GLN B 32 41.77 35.56 16.25
N ALA B 33 42.96 35.52 15.66
CA ALA B 33 43.09 35.60 14.20
C ALA B 33 42.56 34.33 13.54
N LYS B 34 42.89 33.19 14.13
CA LYS B 34 42.43 31.90 13.64
C LYS B 34 40.95 31.73 13.95
N ALA B 35 40.52 32.30 15.07
CA ALA B 35 39.13 32.26 15.49
C ALA B 35 38.20 33.05 14.56
N VAL B 36 38.71 34.13 13.98
CA VAL B 36 37.92 34.91 13.03
C VAL B 36 37.90 34.24 11.65
N GLN B 37 38.91 33.41 11.39
CA GLN B 37 39.01 32.64 10.14
C GLN B 37 38.07 31.43 10.14
N VAL B 38 37.86 30.85 11.33
CA VAL B 38 36.92 29.75 11.52
C VAL B 38 35.48 30.28 11.58
N TYR B 39 35.30 31.43 12.23
CA TYR B 39 33.99 32.06 12.35
C TYR B 39 33.42 32.48 11.01
N ASN B 40 34.22 33.14 10.18
CA ASN B 40 33.76 33.65 8.89
C ASN B 40 33.36 32.57 7.89
N SER B 41 34.11 31.46 7.88
CA SER B 41 33.82 30.32 7.01
C SER B 41 32.56 29.59 7.46
N ARG B 42 32.30 29.65 8.76
CA ARG B 42 31.14 29.01 9.37
C ARG B 42 29.87 29.83 9.22
N LYS B 43 30.01 31.14 9.08
CA LYS B 43 28.87 32.02 8.79
C LYS B 43 28.50 31.93 7.31
N SER B 44 29.52 31.85 6.46
CA SER B 44 29.33 31.80 5.02
C SER B 44 28.73 30.48 4.54
N GLU B 45 29.02 29.41 5.27
CA GLU B 45 28.45 28.09 4.97
C GLU B 45 27.04 27.96 5.51
N LEU B 46 26.79 28.57 6.67
CA LEU B 46 25.46 28.60 7.28
C LEU B 46 24.51 29.45 6.45
N ASP B 47 24.99 30.60 5.97
CA ASP B 47 24.19 31.46 5.11
C ASP B 47 23.91 30.81 3.76
N ALA B 48 24.87 30.00 3.29
CA ALA B 48 24.73 29.26 2.04
C ALA B 48 23.69 28.15 2.18
N ALA B 49 23.80 27.39 3.26
CA ALA B 49 22.89 26.27 3.50
C ALA B 49 21.50 26.74 3.93
N ASN B 50 21.46 27.82 4.69
CA ASN B 50 20.19 28.38 5.17
C ASN B 50 19.28 28.82 4.03
N LYS B 51 19.90 29.22 2.91
CA LYS B 51 19.16 29.65 1.72
C LYS B 51 18.77 28.45 0.85
N THR B 52 19.68 27.49 0.68
CA THR B 52 19.33 26.26 -0.06
C THR B 52 18.22 25.48 0.63
N LEU B 53 18.02 25.76 1.93
CA LEU B 53 16.81 25.33 2.63
C LEU B 53 15.64 26.23 2.24
N ALA B 54 15.83 27.55 2.32
CA ALA B 54 14.77 28.53 2.03
C ALA B 54 14.18 28.34 0.63
N ASP B 55 15.04 28.00 -0.32
CA ASP B 55 14.60 27.64 -1.67
C ASP B 55 13.65 26.45 -1.62
N ALA B 56 14.07 25.43 -0.88
CA ALA B 56 13.33 24.19 -0.78
C ALA B 56 11.95 24.38 -0.15
N ILE B 57 11.87 25.17 0.91
CA ILE B 57 10.58 25.44 1.56
C ILE B 57 9.71 26.29 0.64
N ALA B 58 10.33 27.22 -0.09
CA ALA B 58 9.62 28.07 -1.04
C ALA B 58 9.13 27.27 -2.26
N GLU B 59 9.75 26.11 -2.47
CA GLU B 59 9.35 25.17 -3.51
C GLU B 59 8.18 24.31 -3.02
N ILE B 60 8.15 24.04 -1.72
CA ILE B 60 7.05 23.33 -1.09
C ILE B 60 5.74 24.12 -1.23
N LYS B 61 5.75 25.37 -0.76
CA LYS B 61 4.58 26.26 -0.84
C LYS B 61 4.09 26.37 -2.28
N GLN B 62 5.00 26.19 -3.23
CA GLN B 62 4.72 26.26 -4.66
C GLN B 62 3.92 25.06 -5.16
N PHE B 63 4.10 23.91 -4.51
CA PHE B 63 3.50 22.65 -4.96
C PHE B 63 2.49 22.06 -3.99
N ASN B 64 2.46 22.54 -2.75
CA ASN B 64 1.57 21.94 -1.75
C ASN B 64 0.10 22.26 -1.96
N ARG B 65 -0.26 22.49 -3.23
CA ARG B 65 -1.66 22.51 -3.63
C ARG B 65 -1.98 21.16 -4.23
N PHE B 66 -0.95 20.44 -4.64
CA PHE B 66 -1.10 19.06 -5.12
C PHE B 66 -1.00 18.06 -3.97
N ALA B 67 -0.78 18.57 -2.76
CA ALA B 67 -0.45 17.75 -1.60
C ALA B 67 -1.51 16.72 -1.19
N HIS B 68 -2.78 17.09 -1.28
CA HIS B 68 -3.86 16.24 -0.80
C HIS B 68 -4.14 15.07 -1.74
N ASP B 69 -3.69 15.20 -2.98
CA ASP B 69 -4.10 14.32 -4.07
C ASP B 69 -2.94 13.49 -4.63
N PRO B 70 -2.73 12.27 -4.12
CA PRO B 70 -1.53 11.48 -4.44
C PRO B 70 -1.54 10.86 -5.83
N MET B 71 -2.54 11.22 -6.64
CA MET B 71 -2.61 10.77 -8.02
C MET B 71 -2.40 11.92 -9.01
N ALA B 72 -2.26 13.14 -8.48
CA ALA B 72 -2.29 14.34 -9.30
C ALA B 72 -1.08 14.48 -10.23
N GLY B 73 0.08 14.02 -9.76
CA GLY B 73 1.31 14.10 -10.55
C GLY B 73 2.19 15.26 -10.14
N GLY B 74 1.57 16.39 -9.82
CA GLY B 74 2.26 17.48 -9.14
C GLY B 74 2.60 17.08 -7.71
N HIS B 75 1.77 16.19 -7.15
CA HIS B 75 1.97 15.65 -5.80
C HIS B 75 3.35 15.04 -5.65
N ARG B 76 3.83 14.46 -6.73
CA ARG B 76 5.16 13.89 -6.80
C ARG B 76 6.23 14.98 -6.65
N MET B 77 5.94 16.17 -7.15
CA MET B 77 6.87 17.29 -7.06
C MET B 77 6.88 17.85 -5.65
N TRP B 78 5.72 17.84 -5.00
CA TRP B 78 5.58 18.24 -3.61
C TRP B 78 6.27 17.23 -2.71
N GLN B 79 6.09 15.94 -3.03
CA GLN B 79 6.72 14.85 -2.28
C GLN B 79 8.24 15.01 -2.26
N MET B 80 8.82 15.21 -3.44
CA MET B 80 10.27 15.29 -3.58
C MET B 80 10.82 16.60 -3.01
N ALA B 81 10.01 17.66 -3.07
CA ALA B 81 10.39 18.96 -2.54
C ALA B 81 10.55 18.90 -1.02
N GLY B 82 9.79 18.01 -0.40
CA GLY B 82 9.89 17.77 1.03
C GLY B 82 11.24 17.19 1.41
N LEU B 83 11.71 16.26 0.59
CA LEU B 83 13.01 15.64 0.79
C LEU B 83 14.15 16.65 0.60
N LYS B 84 14.04 17.51 -0.42
CA LYS B 84 14.98 18.63 -0.63
C LYS B 84 15.04 19.49 0.61
N ALA B 85 13.88 19.72 1.22
CA ALA B 85 13.79 20.50 2.44
C ALA B 85 14.42 19.77 3.62
N GLN B 86 14.17 18.47 3.70
CA GLN B 86 14.65 17.66 4.83
C GLN B 86 16.15 17.45 4.80
N ARG B 87 16.69 17.13 3.62
CA ARG B 87 18.14 16.96 3.47
C ARG B 87 18.88 18.27 3.73
N ALA B 88 18.21 19.38 3.38
CA ALA B 88 18.73 20.71 3.69
C ALA B 88 18.56 21.04 5.17
N GLN B 89 17.51 20.50 5.78
CA GLN B 89 17.24 20.76 7.20
C GLN B 89 18.34 20.18 8.09
N THR B 90 18.83 18.99 7.73
CA THR B 90 19.94 18.36 8.44
C THR B 90 21.24 19.14 8.19
N ASP B 91 21.34 19.79 7.03
CA ASP B 91 22.52 20.56 6.67
C ASP B 91 22.54 21.91 7.39
N VAL B 92 21.38 22.51 7.58
CA VAL B 92 21.28 23.77 8.31
C VAL B 92 21.38 23.53 9.82
N ASN B 93 21.25 22.29 10.25
CA ASN B 93 21.38 21.94 11.67
C ASN B 93 22.81 21.64 12.11
N ASN B 94 23.58 21.00 11.23
CA ASN B 94 24.98 20.70 11.51
C ASN B 94 25.85 21.96 11.44
N LYS B 95 25.65 22.72 10.37
CA LYS B 95 26.45 23.91 10.10
C LYS B 95 26.07 25.07 11.02
N GLN B 96 24.91 24.96 11.64
CA GLN B 96 24.48 25.89 12.68
C GLN B 96 25.12 25.51 14.01
N ALA B 97 25.17 24.22 14.30
CA ALA B 97 25.83 23.71 15.49
C ALA B 97 27.33 23.99 15.45
N ALA B 98 27.91 23.88 14.24
CA ALA B 98 29.32 24.16 14.01
C ALA B 98 29.63 25.66 14.07
N PHE B 99 28.68 26.48 13.61
CA PHE B 99 28.83 27.94 13.64
C PHE B 99 28.73 28.48 15.06
N ASP B 100 27.84 27.88 15.85
CA ASP B 100 27.66 28.26 17.25
C ASP B 100 28.89 27.89 18.07
N ALA B 101 29.49 26.74 17.73
CA ALA B 101 30.73 26.27 18.33
C ALA B 101 31.93 27.15 17.94
N ALA B 102 31.82 27.81 16.79
CA ALA B 102 32.84 28.73 16.31
C ALA B 102 32.59 30.16 16.77
N ALA B 103 31.35 30.42 17.21
CA ALA B 103 30.97 31.75 17.72
C ALA B 103 31.37 31.94 19.18
N LYS B 104 31.38 30.84 19.93
CA LYS B 104 31.88 30.82 21.29
C LYS B 104 33.39 31.10 21.26
N GLU B 105 34.09 30.48 20.31
CA GLU B 105 35.53 30.63 20.18
C GLU B 105 35.95 32.07 19.95
N LYS B 106 35.17 32.80 19.15
CA LYS B 106 35.45 34.22 18.87
C LYS B 106 35.21 35.11 20.09
N SER B 107 34.07 34.89 20.77
CA SER B 107 33.74 35.64 21.98
C SER B 107 34.71 35.35 23.12
N ASP B 108 35.13 34.10 23.24
CA ASP B 108 36.10 33.68 24.26
C ASP B 108 37.50 34.23 24.01
N ALA B 109 37.93 34.20 22.74
CA ALA B 109 39.25 34.71 22.35
C ALA B 109 39.31 36.23 22.34
N ASP B 110 38.24 36.88 21.86
CA ASP B 110 38.15 38.34 21.91
C ASP B 110 38.22 38.86 23.34
N ALA B 111 37.72 38.05 24.27
CA ALA B 111 37.79 38.36 25.70
C ALA B 111 39.14 37.99 26.30
N ALA B 112 39.70 36.85 25.90
CA ALA B 112 40.99 36.38 26.40
C ALA B 112 42.14 37.26 25.95
N LEU B 113 42.02 37.79 24.73
CA LEU B 113 42.97 38.76 24.20
C LEU B 113 42.92 40.01 25.05
N SER B 114 41.70 40.54 25.23
CA SER B 114 41.46 41.75 26.01
C SER B 114 42.00 41.62 27.43
N ALA B 115 41.85 40.43 28.01
CA ALA B 115 42.32 40.13 29.36
C ALA B 115 43.83 39.87 29.41
N ALA B 116 44.41 39.52 28.26
CA ALA B 116 45.86 39.39 28.14
C ALA B 116 46.50 40.76 27.91
N GLN B 117 45.77 41.63 27.22
CA GLN B 117 46.20 42.99 26.89
C GLN B 117 46.31 43.87 28.12
N GLU B 118 45.28 43.84 28.95
CA GLU B 118 45.21 44.68 30.15
C GLU B 118 46.09 44.14 31.27
N ARG B 119 46.31 42.83 31.27
CA ARG B 119 47.23 42.20 32.22
C ARG B 119 48.66 42.60 31.90
N ARG B 120 48.95 42.71 30.60
CA ARG B 120 50.26 43.12 30.11
C ARG B 120 50.54 44.59 30.42
N LYS B 121 49.51 45.43 30.33
CA LYS B 121 49.64 46.86 30.68
C LYS B 121 50.12 47.03 32.10
N GLN B 122 49.59 46.23 33.02
CA GLN B 122 50.03 46.20 34.42
C GLN B 122 51.53 45.89 34.52
N LYS B 123 52.00 44.89 33.77
CA LYS B 123 53.42 44.53 33.76
C LYS B 123 54.26 45.52 32.95
N GLU B 124 53.61 46.28 32.08
CA GLU B 124 54.28 47.34 31.30
C GLU B 124 54.55 48.55 32.19
N ASN B 125 53.66 48.79 33.15
CA ASN B 125 53.89 49.79 34.18
C ASN B 125 54.89 49.30 35.23
N LYS B 126 54.95 47.97 35.39
CA LYS B 126 55.98 47.34 36.23
C LYS B 126 57.28 47.17 35.43
N GLU B 127 57.64 48.24 34.71
CA GLU B 127 58.83 48.27 33.88
C GLU B 127 59.50 49.63 34.00
N LYS B 128 58.70 50.69 33.92
CA LYS B 128 59.20 52.06 34.05
C LYS B 128 59.65 52.41 35.48
N ASP B 129 59.23 51.59 36.45
CA ASP B 129 59.60 51.78 37.85
C ASP B 129 60.78 50.87 38.22
N ALA B 130 60.68 49.59 37.92
CA ALA B 130 61.71 48.60 38.23
C ALA B 130 62.99 48.78 37.41
N LYS B 131 62.90 49.56 36.33
CA LYS B 131 64.06 49.90 35.51
C LYS B 131 64.18 51.40 35.28
#